data_9CPZ
#
_entry.id   9CPZ
#
_cell.length_a   141.590
_cell.length_b   49.110
_cell.length_c   139.810
_cell.angle_alpha   90.000
_cell.angle_beta   115.803
_cell.angle_gamma   90.000
#
_symmetry.space_group_name_H-M   'C 1 2 1'
#
loop_
_entity.id
_entity.type
_entity.pdbx_description
1 polymer 'D-ornithine/D-lysine decarboxylase'
2 non-polymer 'DIMETHYL SULFOXIDE'
3 non-polymer 'SODIUM ION'
4 non-polymer "4'-DEOXY-4'-AMINOPYRIDOXAL-5'-PHOSPHATE"
5 non-polymer N-(4-oxobutyl)guanidine
6 non-polymer 'ACETATE ION'
7 non-polymer 'CHLORIDE ION'
8 water water
#
_entity_poly.entity_id   1
_entity_poly.type   'polypeptide(L)'
_entity_poly.pdbx_seq_one_letter_code
;MTDSIMQNYNQLREQVINGDRRFQHKDGHLCFEGVDLDALARQYPTPFYVFSEPEIIRNIHEIQQAFAAHKNTKTFFASK
TCSVMGVLKAIRDAGICAEANSQYEVRKCLEIGFRGDQIVFNGVVKKPADLEYAIANDLYLINVDSLYELEHIDAISRKL
KKVANVCVRVEPNVPSATHAELVTAFHAKSGLDLEQAEETCRRILAMPYVHLRGLHMHVGDQVPESEPFAKATKVLVDES
RRLEEVLGIKFDLINVGGGIPVPYKYDDENGDPLKDNMYAGITAQDFADAVIREVHKWRTDVEICIEPGRKVTGSAAVLL
TEVSCEKRKTNYDLNGNVECHVEWKFVDAGYSVLSDSQHFDWFFYVYNASRMTAAHDAWIKLAGPLSDGGDYFHMGVKGE
EFLLPKETHVGDIVAFLDAGAYTIESQTVYNNRPRTGVVMIDKNGDTRLIRREDSYEDMVKYDIYLLAAALEHHHHHH
;
_entity_poly.pdbx_strand_id   A,B
#
loop_
_chem_comp.id
_chem_comp.type
_chem_comp.name
_chem_comp.formula
A1AZK non-polymer N-(4-oxobutyl)guanidine 'C5 H11 N3 O'
ACT non-polymer 'ACETATE ION' 'C2 H3 O2 -1'
CL non-polymer 'CHLORIDE ION' 'Cl -1'
DMS non-polymer 'DIMETHYL SULFOXIDE' 'C2 H6 O S'
NA non-polymer 'SODIUM ION' 'Na 1'
PMP non-polymer 4'-DEOXY-4'-AMINOPYRIDOXAL-5'-PHOSPHATE 'C8 H13 N2 O5 P'
#
# COMPACT_ATOMS: atom_id res chain seq x y z
N MET A 1 34.27 12.60 -1.67
CA MET A 1 33.44 11.58 -2.28
C MET A 1 32.02 12.09 -2.55
N THR A 2 31.57 13.07 -1.77
CA THR A 2 30.22 13.62 -1.97
C THR A 2 30.13 14.48 -3.23
N ASP A 3 31.25 14.99 -3.74
N ASP A 3 31.26 15.01 -3.71
CA ASP A 3 31.23 15.64 -5.04
CA ASP A 3 31.30 15.65 -5.02
C ASP A 3 31.48 14.65 -6.18
C ASP A 3 31.39 14.61 -6.13
N SER A 4 32.10 13.51 -5.89
CA SER A 4 32.17 12.44 -6.88
C SER A 4 30.82 11.76 -7.06
N ILE A 5 30.09 11.55 -5.96
CA ILE A 5 28.70 11.09 -6.06
C ILE A 5 27.90 12.05 -6.94
N MET A 6 28.02 13.35 -6.66
CA MET A 6 27.36 14.35 -7.47
C MET A 6 27.84 14.32 -8.92
N GLN A 7 29.15 14.22 -9.12
CA GLN A 7 29.68 14.10 -10.47
C GLN A 7 29.13 12.86 -11.17
N ASN A 8 29.17 11.72 -10.47
CA ASN A 8 28.66 10.48 -11.06
C ASN A 8 27.18 10.62 -11.44
N TYR A 9 26.38 11.20 -10.56
CA TYR A 9 24.95 11.31 -10.85
C TYR A 9 24.69 12.16 -12.08
N ASN A 10 25.49 13.20 -12.30
CA ASN A 10 25.26 14.03 -13.47
C ASN A 10 25.81 13.41 -14.75
N GLN A 11 26.85 12.57 -14.64
CA GLN A 11 27.22 11.71 -15.75
C GLN A 11 26.04 10.81 -16.15
N LEU A 12 25.35 10.23 -15.17
CA LEU A 12 24.16 9.44 -15.48
C LEU A 12 23.07 10.31 -16.12
N ARG A 13 22.87 11.52 -15.59
CA ARG A 13 21.87 12.42 -16.16
C ARG A 13 22.13 12.69 -17.64
N GLU A 14 23.38 12.98 -18.00
CA GLU A 14 23.70 13.21 -19.41
C GLU A 14 23.50 11.97 -20.24
N GLN A 15 23.72 10.78 -19.68
CA GLN A 15 23.48 9.54 -20.42
C GLN A 15 22.01 9.34 -20.76
N VAL A 16 21.10 9.80 -19.89
CA VAL A 16 19.67 9.66 -20.16
C VAL A 16 19.30 10.36 -21.46
N ILE A 17 19.76 11.60 -21.64
CA ILE A 17 19.35 12.39 -22.79
C ILE A 17 20.33 12.24 -23.96
N ASN A 18 21.25 11.30 -23.90
CA ASN A 18 22.22 11.16 -24.97
C ASN A 18 22.34 9.75 -25.54
N GLY A 19 22.32 8.73 -24.69
CA GLY A 19 22.53 7.37 -25.17
C GLY A 19 21.45 6.41 -24.75
N ASP A 20 20.30 6.94 -24.36
CA ASP A 20 19.19 6.11 -23.91
C ASP A 20 18.18 6.00 -25.03
N ARG A 21 17.78 4.77 -25.36
CA ARG A 21 16.83 4.57 -26.44
C ARG A 21 15.47 5.19 -26.16
N ARG A 22 15.16 5.49 -24.89
CA ARG A 22 13.84 6.03 -24.54
C ARG A 22 13.78 7.55 -24.57
N PHE A 23 14.91 8.24 -24.33
CA PHE A 23 14.86 9.62 -23.89
C PHE A 23 15.73 10.54 -24.75
N GLN A 24 15.28 11.79 -24.84
CA GLN A 24 16.00 12.85 -25.48
C GLN A 24 15.83 14.10 -24.62
N HIS A 25 16.28 15.25 -25.13
CA HIS A 25 15.96 16.52 -24.49
C HIS A 25 15.62 17.54 -25.55
N LYS A 26 14.77 18.50 -25.17
CA LYS A 26 14.38 19.58 -26.06
C LYS A 26 14.03 20.78 -25.19
N ASP A 27 14.63 21.92 -25.50
CA ASP A 27 14.37 23.16 -24.76
C ASP A 27 14.72 23.01 -23.28
N GLY A 28 15.71 22.17 -22.97
CA GLY A 28 16.03 21.85 -21.61
C GLY A 28 15.05 20.96 -20.89
N HIS A 29 14.15 20.31 -21.62
CA HIS A 29 13.14 19.44 -21.03
C HIS A 29 13.44 17.98 -21.36
N LEU A 30 13.06 17.10 -20.45
CA LEU A 30 13.18 15.67 -20.70
C LEU A 30 12.11 15.23 -21.69
N CYS A 31 12.51 14.43 -22.69
CA CYS A 31 11.60 13.93 -23.70
C CYS A 31 11.59 12.41 -23.67
N PHE A 32 10.41 11.84 -23.91
CA PHE A 32 10.16 10.40 -23.83
C PHE A 32 9.53 10.00 -25.16
N GLU A 33 10.28 9.24 -25.98
CA GLU A 33 9.85 8.90 -27.34
C GLU A 33 9.46 10.17 -28.11
N GLY A 34 10.26 11.22 -27.93
CA GLY A 34 10.02 12.49 -28.59
C GLY A 34 8.93 13.36 -27.98
N VAL A 35 8.29 12.92 -26.90
CA VAL A 35 7.26 13.69 -26.24
C VAL A 35 7.91 14.51 -25.14
N ASP A 36 7.82 15.84 -25.23
CA ASP A 36 8.24 16.75 -24.18
C ASP A 36 7.43 16.49 -22.92
N LEU A 37 8.08 15.98 -21.87
CA LEU A 37 7.34 15.60 -20.66
C LEU A 37 6.97 16.82 -19.83
N ASP A 38 7.77 17.89 -19.86
CA ASP A 38 7.33 19.11 -19.22
C ASP A 38 6.03 19.61 -19.83
N ALA A 39 5.98 19.64 -21.16
CA ALA A 39 4.76 20.08 -21.84
C ALA A 39 3.60 19.12 -21.59
N LEU A 40 3.89 17.81 -21.54
CA LEU A 40 2.84 16.84 -21.26
C LEU A 40 2.25 17.07 -19.88
N ALA A 41 3.08 17.40 -18.89
CA ALA A 41 2.61 17.62 -17.54
C ALA A 41 1.86 18.94 -17.39
N ARG A 42 1.76 19.72 -18.45
CA ARG A 42 0.88 20.88 -18.48
C ARG A 42 -0.48 20.57 -19.10
N GLN A 43 -0.60 19.44 -19.80
CA GLN A 43 -1.86 19.06 -20.42
C GLN A 43 -2.71 18.16 -19.53
N TYR A 44 -2.08 17.38 -18.65
CA TYR A 44 -2.76 16.50 -17.72
C TYR A 44 -2.42 16.90 -16.28
N PRO A 45 -3.33 16.69 -15.34
CA PRO A 45 -3.03 17.02 -13.94
C PRO A 45 -2.01 16.06 -13.35
N THR A 46 -1.00 16.61 -12.69
CA THR A 46 -0.04 15.77 -11.99
C THR A 46 -0.58 15.36 -10.62
N PRO A 47 -0.11 14.24 -10.08
CA PRO A 47 0.86 13.30 -10.66
C PRO A 47 0.19 12.33 -11.65
N PHE A 48 0.89 11.92 -12.70
CA PHE A 48 0.40 10.86 -13.58
C PHE A 48 1.57 10.08 -14.15
N TYR A 49 1.27 8.85 -14.58
CA TYR A 49 2.25 7.99 -15.24
C TYR A 49 2.11 8.11 -16.75
N VAL A 50 3.24 8.11 -17.44
CA VAL A 50 3.22 8.04 -18.89
C VAL A 50 3.96 6.77 -19.30
N PHE A 51 3.27 5.91 -20.06
CA PHE A 51 3.85 4.67 -20.59
C PHE A 51 4.24 4.83 -22.05
N SER A 52 5.27 4.08 -22.47
CA SER A 52 5.75 4.08 -23.85
C SER A 52 5.49 2.73 -24.50
N GLU A 53 4.53 2.68 -25.43
CA GLU A 53 4.33 1.46 -26.19
C GLU A 53 5.58 1.07 -26.99
N PRO A 54 6.33 2.01 -27.61
CA PRO A 54 7.62 1.61 -28.19
C PRO A 54 8.53 0.85 -27.23
N GLU A 55 8.63 1.29 -25.98
CA GLU A 55 9.54 0.64 -25.04
C GLU A 55 9.02 -0.72 -24.59
N ILE A 56 7.70 -0.85 -24.43
CA ILE A 56 7.13 -2.18 -24.16
C ILE A 56 7.50 -3.14 -25.28
N ILE A 57 7.33 -2.70 -26.53
CA ILE A 57 7.68 -3.51 -27.69
C ILE A 57 9.16 -3.87 -27.67
N ARG A 58 10.03 -2.91 -27.33
CA ARG A 58 11.46 -3.18 -27.26
C ARG A 58 11.76 -4.25 -26.22
N ASN A 59 11.18 -4.11 -25.03
CA ASN A 59 11.37 -5.10 -23.97
C ASN A 59 10.91 -6.49 -24.41
N ILE A 60 9.72 -6.55 -25.03
CA ILE A 60 9.17 -7.83 -25.45
C ILE A 60 10.07 -8.47 -26.51
N HIS A 61 10.58 -7.66 -27.45
CA HIS A 61 11.53 -8.19 -28.41
C HIS A 61 12.76 -8.74 -27.73
N GLU A 62 13.25 -8.04 -26.70
N GLU A 62 13.25 -8.06 -26.68
CA GLU A 62 14.41 -8.54 -25.95
CA GLU A 62 14.43 -8.56 -25.98
C GLU A 62 14.13 -9.90 -25.34
C GLU A 62 14.14 -9.90 -25.32
N ILE A 63 12.95 -10.07 -24.76
CA ILE A 63 12.60 -11.35 -24.16
C ILE A 63 12.49 -12.42 -25.23
N GLN A 64 11.84 -12.11 -26.35
CA GLN A 64 11.62 -13.13 -27.36
C GLN A 64 12.91 -13.46 -28.10
N GLN A 65 13.70 -12.44 -28.44
CA GLN A 65 15.01 -12.70 -29.03
C GLN A 65 15.86 -13.57 -28.12
N ALA A 66 15.77 -13.35 -26.81
CA ALA A 66 16.53 -14.14 -25.85
C ALA A 66 16.27 -15.64 -25.99
N PHE A 67 15.04 -16.03 -26.34
CA PHE A 67 14.66 -17.44 -26.42
C PHE A 67 14.73 -17.99 -27.84
N ALA A 68 15.58 -17.41 -28.69
CA ALA A 68 15.63 -17.86 -30.08
C ALA A 68 16.14 -19.30 -30.19
N ALA A 69 16.96 -19.73 -29.25
CA ALA A 69 17.50 -21.09 -29.31
C ALA A 69 16.47 -22.16 -28.99
N HIS A 70 15.26 -21.78 -28.58
CA HIS A 70 14.19 -22.73 -28.28
C HIS A 70 12.91 -22.27 -28.98
N LYS A 71 12.59 -22.92 -30.10
CA LYS A 71 11.47 -22.48 -30.94
C LYS A 71 10.15 -22.50 -30.17
N ASN A 72 9.88 -23.61 -29.48
N ASN A 72 9.88 -23.59 -29.46
CA ASN A 72 8.59 -23.83 -28.83
CA ASN A 72 8.59 -23.72 -28.79
C ASN A 72 8.58 -23.15 -27.45
C ASN A 72 8.64 -23.07 -27.41
N THR A 73 8.65 -21.83 -27.48
N THR A 73 8.63 -21.73 -27.42
CA THR A 73 8.52 -21.02 -26.28
CA THR A 73 8.60 -20.93 -26.19
C THR A 73 7.20 -20.27 -26.32
C THR A 73 7.35 -20.06 -26.22
N LYS A 74 6.53 -20.18 -25.17
CA LYS A 74 5.32 -19.38 -25.01
CA LYS A 74 5.33 -19.37 -25.02
C LYS A 74 5.53 -18.39 -23.88
N THR A 75 5.26 -17.12 -24.14
CA THR A 75 5.54 -16.03 -23.23
C THR A 75 4.24 -15.45 -22.70
N PHE A 76 4.07 -15.47 -21.39
CA PHE A 76 2.86 -14.97 -20.73
C PHE A 76 3.22 -13.74 -19.89
N PHE A 77 2.71 -12.59 -20.29
CA PHE A 77 2.93 -11.38 -19.49
C PHE A 77 2.19 -11.50 -18.17
N ALA A 78 2.92 -11.39 -17.07
CA ALA A 78 2.29 -11.45 -15.75
C ALA A 78 1.53 -10.16 -15.53
N SER A 79 0.21 -10.21 -15.71
N SER A 79 0.22 -10.19 -15.73
CA SER A 79 -0.62 -9.00 -15.70
CA SER A 79 -0.59 -8.97 -15.72
C SER A 79 -0.63 -8.30 -14.35
C SER A 79 -0.60 -8.29 -14.35
N LYS A 80 -0.26 -9.01 -13.27
CA LYS A 80 -0.11 -8.36 -11.97
C LYS A 80 0.88 -7.20 -12.03
N THR A 81 1.79 -7.22 -12.99
CA THR A 81 2.76 -6.14 -13.16
C THR A 81 2.08 -4.83 -13.53
N CYS A 82 1.07 -4.91 -14.39
CA CYS A 82 0.32 -3.74 -14.83
C CYS A 82 -0.82 -4.25 -15.68
N SER A 83 -2.05 -4.01 -15.26
CA SER A 83 -3.20 -4.51 -16.01
C SER A 83 -4.10 -3.37 -16.48
N VAL A 84 -3.56 -2.14 -16.61
CA VAL A 84 -4.33 -1.10 -17.29
C VAL A 84 -4.68 -1.61 -18.67
N MET A 85 -5.95 -1.45 -19.07
CA MET A 85 -6.39 -2.15 -20.27
C MET A 85 -5.58 -1.73 -21.50
N GLY A 86 -5.23 -0.45 -21.60
CA GLY A 86 -4.44 0.01 -22.72
C GLY A 86 -3.05 -0.58 -22.74
N VAL A 87 -2.51 -0.88 -21.56
CA VAL A 87 -1.21 -1.54 -21.51
C VAL A 87 -1.33 -3.00 -21.88
N LEU A 88 -2.37 -3.68 -21.36
CA LEU A 88 -2.63 -5.06 -21.78
C LEU A 88 -2.81 -5.15 -23.29
N LYS A 89 -3.58 -4.23 -23.87
CA LYS A 89 -3.83 -4.28 -25.31
C LYS A 89 -2.54 -4.12 -26.10
N ALA A 90 -1.65 -3.21 -25.67
CA ALA A 90 -0.36 -3.06 -26.32
C ALA A 90 0.44 -4.35 -26.24
N ILE A 91 0.33 -5.08 -25.13
CA ILE A 91 1.09 -6.31 -24.97
C ILE A 91 0.49 -7.43 -25.81
N ARG A 92 -0.84 -7.53 -25.85
CA ARG A 92 -1.49 -8.44 -26.77
C ARG A 92 -1.08 -8.13 -28.21
N ASP A 93 -1.09 -6.85 -28.56
CA ASP A 93 -0.70 -6.43 -29.91
C ASP A 93 0.73 -6.83 -30.25
N ALA A 94 1.63 -6.82 -29.26
CA ALA A 94 3.01 -7.22 -29.51
C ALA A 94 3.14 -8.72 -29.78
N GLY A 95 2.14 -9.51 -29.43
CA GLY A 95 2.10 -10.91 -29.83
C GLY A 95 2.35 -11.95 -28.75
N ILE A 96 2.39 -11.58 -27.47
CA ILE A 96 2.63 -12.58 -26.44
C ILE A 96 1.34 -12.82 -25.68
N CYS A 97 1.39 -13.65 -24.65
CA CYS A 97 0.19 -14.12 -23.98
C CYS A 97 0.08 -13.45 -22.61
N ALA A 98 -0.82 -13.96 -21.79
CA ALA A 98 -1.17 -13.29 -20.55
C ALA A 98 -1.19 -14.28 -19.39
N GLU A 99 -0.74 -13.81 -18.22
CA GLU A 99 -0.81 -14.60 -16.98
C GLU A 99 -1.56 -13.77 -15.94
N ALA A 100 -2.37 -14.46 -15.13
CA ALA A 100 -3.34 -13.80 -14.26
C ALA A 100 -3.31 -14.50 -12.91
N ASN A 101 -3.67 -13.75 -11.87
CA ASN A 101 -3.57 -14.22 -10.49
C ASN A 101 -4.88 -14.13 -9.73
N SER A 102 -6.00 -13.93 -10.42
CA SER A 102 -7.30 -13.78 -9.78
C SER A 102 -8.35 -13.91 -10.87
N GLN A 103 -9.59 -14.14 -10.43
CA GLN A 103 -10.69 -14.27 -11.38
C GLN A 103 -10.84 -13.00 -12.21
N TYR A 104 -10.69 -11.82 -11.59
CA TYR A 104 -10.87 -10.58 -12.34
C TYR A 104 -9.70 -10.31 -13.27
N GLU A 105 -8.50 -10.79 -12.93
CA GLU A 105 -7.39 -10.67 -13.87
C GLU A 105 -7.63 -11.55 -15.08
N VAL A 106 -8.17 -12.76 -14.87
CA VAL A 106 -8.53 -13.62 -16.00
C VAL A 106 -9.58 -12.94 -16.85
N ARG A 107 -10.59 -12.35 -16.21
CA ARG A 107 -11.69 -11.74 -16.95
C ARG A 107 -11.20 -10.56 -17.79
N LYS A 108 -10.36 -9.69 -17.21
CA LYS A 108 -9.90 -8.55 -18.00
CA LYS A 108 -9.81 -8.55 -17.94
C LYS A 108 -8.98 -8.99 -19.13
N CYS A 109 -8.23 -10.09 -18.97
CA CYS A 109 -7.42 -10.56 -20.09
C CYS A 109 -8.32 -11.09 -21.20
N LEU A 110 -9.35 -11.86 -20.84
CA LEU A 110 -10.33 -12.28 -21.83
C LEU A 110 -11.00 -11.09 -22.49
N GLU A 111 -11.36 -10.08 -21.70
N GLU A 111 -11.33 -10.05 -21.72
CA GLU A 111 -12.05 -8.91 -22.25
CA GLU A 111 -12.07 -8.94 -22.28
C GLU A 111 -11.18 -8.16 -23.25
C GLU A 111 -11.22 -7.99 -23.12
N ILE A 112 -9.90 -7.99 -22.93
CA ILE A 112 -9.03 -7.21 -23.82
C ILE A 112 -8.62 -8.01 -25.06
N GLY A 113 -8.93 -9.29 -25.12
CA GLY A 113 -8.75 -10.05 -26.35
C GLY A 113 -7.84 -11.26 -26.27
N PHE A 114 -7.17 -11.52 -25.14
CA PHE A 114 -6.43 -12.78 -25.03
C PHE A 114 -7.42 -13.94 -25.05
N ARG A 115 -7.15 -14.93 -25.90
CA ARG A 115 -7.95 -16.15 -25.88
C ARG A 115 -7.67 -16.94 -24.60
N GLY A 116 -8.60 -17.82 -24.24
CA GLY A 116 -8.37 -18.73 -23.14
C GLY A 116 -7.06 -19.50 -23.27
N ASP A 117 -6.72 -19.90 -24.50
CA ASP A 117 -5.48 -20.62 -24.71
C ASP A 117 -4.26 -19.70 -24.72
N GLN A 118 -4.46 -18.43 -24.43
CA GLN A 118 -3.36 -17.51 -24.19
C GLN A 118 -3.26 -17.08 -22.74
N ILE A 119 -3.97 -17.74 -21.81
CA ILE A 119 -3.99 -17.27 -20.42
C ILE A 119 -3.57 -18.41 -19.51
N VAL A 120 -2.67 -18.08 -18.57
CA VAL A 120 -2.28 -18.95 -17.47
C VAL A 120 -2.84 -18.35 -16.18
N PHE A 121 -3.42 -19.18 -15.33
CA PHE A 121 -4.00 -18.75 -14.04
C PHE A 121 -3.10 -19.27 -12.90
N ASN A 122 -2.41 -18.34 -12.22
CA ASN A 122 -1.62 -18.66 -11.03
C ASN A 122 -2.36 -18.22 -9.77
N GLY A 123 -2.00 -18.82 -8.65
CA GLY A 123 -2.43 -18.29 -7.36
C GLY A 123 -2.55 -19.34 -6.26
N VAL A 124 -2.24 -18.91 -5.03
CA VAL A 124 -2.32 -19.80 -3.88
C VAL A 124 -3.75 -19.95 -3.37
N VAL A 125 -4.66 -19.07 -3.77
CA VAL A 125 -6.08 -19.21 -3.44
C VAL A 125 -6.85 -19.09 -4.76
N LYS A 126 -7.47 -20.17 -5.18
CA LYS A 126 -8.38 -20.18 -6.32
C LYS A 126 -9.66 -20.82 -5.78
N LYS A 127 -10.62 -19.98 -5.38
CA LYS A 127 -11.86 -20.49 -4.81
C LYS A 127 -12.66 -21.24 -5.87
N PRO A 128 -13.61 -22.08 -5.47
CA PRO A 128 -14.45 -22.76 -6.48
C PRO A 128 -15.00 -21.82 -7.54
N ALA A 129 -15.47 -20.63 -7.17
CA ALA A 129 -15.99 -19.71 -8.18
C ALA A 129 -14.91 -19.28 -9.16
N ASP A 130 -13.67 -19.10 -8.67
CA ASP A 130 -12.57 -18.72 -9.55
C ASP A 130 -12.21 -19.87 -10.47
N LEU A 131 -12.18 -21.09 -9.95
CA LEU A 131 -11.85 -22.26 -10.74
C LEU A 131 -12.92 -22.53 -11.79
N GLU A 132 -14.19 -22.40 -11.41
CA GLU A 132 -15.25 -22.64 -12.39
C GLU A 132 -15.18 -21.64 -13.53
N TYR A 133 -14.96 -20.37 -13.22
CA TYR A 133 -14.78 -19.36 -14.27
C TYR A 133 -13.61 -19.73 -15.18
N ALA A 134 -12.48 -20.11 -14.58
CA ALA A 134 -11.31 -20.42 -15.36
C ALA A 134 -11.52 -21.65 -16.23
N ILE A 135 -12.12 -22.70 -15.67
CA ILE A 135 -12.30 -23.94 -16.42
C ILE A 135 -13.33 -23.75 -17.53
N ALA A 136 -14.40 -22.99 -17.26
CA ALA A 136 -15.38 -22.72 -18.30
C ALA A 136 -14.78 -21.93 -19.46
N ASN A 137 -13.66 -21.23 -19.24
CA ASN A 137 -13.07 -20.43 -20.29
C ASN A 137 -11.81 -21.07 -20.89
N ASP A 138 -11.63 -22.39 -20.71
CA ASP A 138 -10.63 -23.15 -21.46
C ASP A 138 -9.24 -22.50 -21.37
N LEU A 139 -8.86 -22.10 -20.16
CA LEU A 139 -7.55 -21.52 -19.95
C LEU A 139 -6.45 -22.48 -20.36
N TYR A 140 -5.38 -21.92 -20.90
CA TYR A 140 -4.22 -22.71 -21.29
C TYR A 140 -3.67 -23.51 -20.13
N LEU A 141 -3.53 -22.87 -18.98
CA LEU A 141 -3.06 -23.53 -17.76
C LEU A 141 -3.73 -22.95 -16.52
N ILE A 142 -4.06 -23.84 -15.60
CA ILE A 142 -4.28 -23.50 -14.21
C ILE A 142 -3.14 -24.13 -13.44
N ASN A 143 -2.32 -23.30 -12.80
CA ASN A 143 -1.09 -23.80 -12.17
C ASN A 143 -1.46 -24.15 -10.73
N VAL A 144 -1.67 -25.44 -10.51
CA VAL A 144 -2.26 -25.94 -9.27
C VAL A 144 -1.27 -25.75 -8.13
N ASP A 145 -1.75 -25.18 -7.03
CA ASP A 145 -0.89 -24.77 -5.92
C ASP A 145 -1.02 -25.65 -4.69
N SER A 146 -2.09 -26.42 -4.58
CA SER A 146 -2.33 -27.24 -3.39
C SER A 146 -3.17 -28.44 -3.75
N LEU A 147 -3.08 -29.48 -2.93
CA LEU A 147 -3.98 -30.61 -3.09
C LEU A 147 -5.43 -30.22 -2.82
N TYR A 148 -5.66 -29.26 -1.92
CA TYR A 148 -7.04 -28.83 -1.66
C TYR A 148 -7.66 -28.26 -2.94
N GLU A 149 -6.93 -27.36 -3.60
CA GLU A 149 -7.38 -26.79 -4.86
C GLU A 149 -7.60 -27.88 -5.92
N LEU A 150 -6.70 -28.87 -5.98
CA LEU A 150 -6.86 -29.92 -6.97
C LEU A 150 -8.17 -30.68 -6.80
N GLU A 151 -8.59 -30.91 -5.56
CA GLU A 151 -9.85 -31.60 -5.35
C GLU A 151 -11.03 -30.83 -5.95
N HIS A 152 -11.00 -29.49 -5.82
CA HIS A 152 -12.02 -28.69 -6.46
C HIS A 152 -11.92 -28.75 -7.98
N ILE A 153 -10.71 -28.75 -8.53
CA ILE A 153 -10.57 -28.82 -9.99
C ILE A 153 -11.16 -30.11 -10.51
N ASP A 154 -10.87 -31.23 -9.84
CA ASP A 154 -11.49 -32.50 -10.23
C ASP A 154 -13.00 -32.39 -10.24
N ALA A 155 -13.59 -31.86 -9.16
CA ALA A 155 -15.05 -31.84 -9.05
C ALA A 155 -15.67 -30.84 -10.02
N ILE A 156 -15.05 -29.69 -10.20
CA ILE A 156 -15.64 -28.66 -11.07
C ILE A 156 -15.46 -29.04 -12.53
N SER A 157 -14.28 -29.56 -12.91
CA SER A 157 -14.10 -30.05 -14.28
C SER A 157 -15.12 -31.13 -14.63
N ARG A 158 -15.38 -32.08 -13.72
CA ARG A 158 -16.42 -33.08 -13.97
C ARG A 158 -17.78 -32.41 -14.11
N LYS A 159 -18.08 -31.48 -13.19
CA LYS A 159 -19.37 -30.80 -13.22
C LYS A 159 -19.60 -30.12 -14.56
N LEU A 160 -18.59 -29.40 -15.06
CA LEU A 160 -18.68 -28.69 -16.33
C LEU A 160 -18.50 -29.60 -17.55
N LYS A 161 -18.03 -30.83 -17.35
CA LYS A 161 -17.59 -31.70 -18.45
C LYS A 161 -16.65 -30.94 -19.38
N LYS A 162 -15.67 -30.26 -18.79
CA LYS A 162 -14.66 -29.53 -19.54
C LYS A 162 -13.29 -29.85 -18.96
N VAL A 163 -12.35 -30.14 -19.85
CA VAL A 163 -11.00 -30.46 -19.42
C VAL A 163 -10.35 -29.23 -18.81
N ALA A 164 -9.80 -29.38 -17.62
CA ALA A 164 -8.98 -28.37 -16.98
C ALA A 164 -7.52 -28.72 -17.26
N ASN A 165 -6.79 -27.81 -17.91
CA ASN A 165 -5.38 -28.03 -18.20
C ASN A 165 -4.55 -27.47 -17.04
N VAL A 166 -3.70 -28.32 -16.47
CA VAL A 166 -3.02 -27.90 -15.25
C VAL A 166 -1.52 -28.14 -15.37
N CYS A 167 -0.78 -27.30 -14.68
CA CYS A 167 0.56 -27.60 -14.20
C CYS A 167 0.47 -27.87 -12.72
N VAL A 168 1.40 -28.66 -12.20
CA VAL A 168 1.57 -28.79 -10.76
C VAL A 168 2.71 -27.87 -10.37
N ARG A 169 2.42 -26.87 -9.54
CA ARG A 169 3.48 -25.98 -9.11
C ARG A 169 4.26 -26.64 -7.98
N VAL A 170 5.58 -26.68 -8.10
CA VAL A 170 6.46 -27.28 -7.10
CA VAL A 170 6.40 -27.25 -7.05
C VAL A 170 7.41 -26.20 -6.57
N GLU A 171 7.68 -26.22 -5.26
CA GLU A 171 8.77 -25.42 -4.73
C GLU A 171 10.08 -26.15 -5.01
N PRO A 172 11.02 -25.55 -5.75
CA PRO A 172 12.28 -26.23 -6.06
C PRO A 172 13.34 -26.15 -4.98
N ASN A 173 13.08 -25.41 -3.89
CA ASN A 173 14.05 -25.20 -2.81
C ASN A 173 15.29 -24.44 -3.32
N VAL A 174 15.05 -23.27 -3.90
CA VAL A 174 16.13 -22.44 -4.44
C VAL A 174 15.97 -20.99 -3.98
N PRO A 175 16.81 -20.50 -3.08
CA PRO A 175 16.77 -19.08 -2.71
C PRO A 175 17.31 -18.20 -3.84
N SER A 176 17.17 -16.88 -3.64
CA SER A 176 17.64 -15.90 -4.61
C SER A 176 18.02 -14.60 -3.90
N ALA A 177 18.96 -13.86 -4.50
CA ALA A 177 19.45 -12.60 -3.92
C ALA A 177 18.55 -11.42 -4.28
N THR A 178 17.27 -11.57 -3.96
CA THR A 178 16.30 -10.49 -4.07
C THR A 178 15.66 -10.23 -2.71
N HIS A 179 14.75 -9.24 -2.66
CA HIS A 179 14.01 -8.93 -1.44
C HIS A 179 13.41 -10.20 -0.83
N ALA A 180 13.44 -10.27 0.51
CA ALA A 180 12.87 -11.42 1.20
C ALA A 180 11.43 -11.66 0.79
N GLU A 181 10.64 -10.59 0.68
CA GLU A 181 9.24 -10.69 0.27
C GLU A 181 9.08 -11.11 -1.19
N LEU A 182 10.17 -11.09 -1.97
CA LEU A 182 10.12 -11.34 -3.40
C LEU A 182 10.62 -12.74 -3.78
N VAL A 183 11.09 -13.53 -2.81
CA VAL A 183 11.47 -14.92 -3.03
C VAL A 183 10.22 -15.80 -2.98
N THR A 184 10.07 -16.69 -3.98
CA THR A 184 8.91 -17.57 -4.03
C THR A 184 9.28 -19.04 -4.26
N ALA A 185 10.54 -19.42 -4.11
CA ALA A 185 10.97 -20.78 -4.42
C ALA A 185 11.71 -21.44 -3.26
N PHE A 186 11.58 -20.89 -2.05
CA PHE A 186 12.37 -21.31 -0.90
C PHE A 186 11.58 -20.94 0.36
N HIS A 187 11.11 -21.96 1.11
CA HIS A 187 10.27 -21.76 2.29
C HIS A 187 9.00 -20.98 1.97
N ALA A 188 8.38 -21.30 0.85
CA ALA A 188 7.33 -20.46 0.29
C ALA A 188 5.93 -20.91 0.72
N LYS A 189 4.99 -19.97 0.71
CA LYS A 189 3.59 -20.35 0.83
C LYS A 189 3.09 -21.05 -0.42
N SER A 190 3.74 -20.83 -1.57
CA SER A 190 3.25 -21.34 -2.85
C SER A 190 3.89 -22.67 -3.21
N GLY A 191 3.19 -23.41 -4.07
CA GLY A 191 3.66 -24.68 -4.61
C GLY A 191 3.52 -25.84 -3.64
N LEU A 192 3.57 -27.04 -4.21
CA LEU A 192 3.68 -28.29 -3.46
CA LEU A 192 3.67 -28.27 -3.44
C LEU A 192 5.15 -28.57 -3.13
N ASP A 193 5.35 -29.39 -2.11
CA ASP A 193 6.68 -29.95 -1.91
C ASP A 193 7.03 -30.79 -3.13
N LEU A 194 8.31 -30.76 -3.53
CA LEU A 194 8.76 -31.59 -4.63
C LEU A 194 8.33 -33.04 -4.44
N GLU A 195 8.43 -33.54 -3.20
CA GLU A 195 8.08 -34.91 -2.86
C GLU A 195 6.63 -35.26 -3.19
N GLN A 196 5.75 -34.28 -3.27
CA GLN A 196 4.34 -34.55 -3.52
C GLN A 196 3.99 -34.58 -5.00
N ALA A 197 4.92 -34.20 -5.87
CA ALA A 197 4.61 -34.12 -7.30
C ALA A 197 4.16 -35.47 -7.86
N GLU A 198 4.88 -36.54 -7.54
CA GLU A 198 4.62 -37.84 -8.17
C GLU A 198 3.19 -38.30 -7.92
N GLU A 199 2.79 -38.38 -6.65
CA GLU A 199 1.45 -38.88 -6.33
C GLU A 199 0.38 -37.92 -6.84
N THR A 200 0.64 -36.62 -6.77
CA THR A 200 -0.28 -35.64 -7.33
C THR A 200 -0.48 -35.85 -8.83
N CYS A 201 0.62 -35.95 -9.57
CA CYS A 201 0.52 -36.23 -11.00
C CYS A 201 -0.20 -37.55 -11.25
N ARG A 202 0.15 -38.60 -10.50
CA ARG A 202 -0.53 -39.87 -10.69
CA ARG A 202 -0.53 -39.89 -10.62
C ARG A 202 -2.04 -39.72 -10.56
N ARG A 203 -2.49 -38.92 -9.60
CA ARG A 203 -3.92 -38.78 -9.39
C ARG A 203 -4.57 -37.94 -10.47
N ILE A 204 -3.85 -36.93 -10.97
CA ILE A 204 -4.38 -36.14 -12.07
C ILE A 204 -4.58 -37.01 -13.30
N LEU A 205 -3.66 -37.94 -13.56
CA LEU A 205 -3.83 -38.84 -14.70
C LEU A 205 -5.16 -39.58 -14.61
N ALA A 206 -5.51 -40.07 -13.43
CA ALA A 206 -6.75 -40.82 -13.22
C ALA A 206 -7.99 -39.93 -13.27
N MET A 207 -7.85 -38.62 -13.19
CA MET A 207 -9.00 -37.71 -13.24
C MET A 207 -9.43 -37.51 -14.69
N PRO A 208 -10.70 -37.77 -15.04
CA PRO A 208 -11.09 -37.77 -16.46
C PRO A 208 -11.03 -36.39 -17.12
N TYR A 209 -11.34 -35.32 -16.41
CA TYR A 209 -11.39 -33.98 -17.00
C TYR A 209 -10.27 -33.07 -16.51
N VAL A 210 -9.18 -33.63 -15.98
CA VAL A 210 -8.00 -32.84 -15.64
C VAL A 210 -6.85 -33.37 -16.48
N HIS A 211 -6.23 -32.50 -17.27
CA HIS A 211 -5.15 -32.88 -18.16
CA HIS A 211 -5.15 -32.91 -18.14
C HIS A 211 -3.83 -32.33 -17.64
N LEU A 212 -2.90 -33.22 -17.27
CA LEU A 212 -1.61 -32.82 -16.75
C LEU A 212 -0.72 -32.40 -17.89
N ARG A 213 -0.30 -31.14 -17.89
N ARG A 213 -0.32 -31.12 -17.91
CA ARG A 213 0.51 -30.59 -18.98
CA ARG A 213 0.51 -30.59 -18.99
C ARG A 213 1.99 -30.52 -18.64
C ARG A 213 1.98 -30.50 -18.64
N GLY A 214 2.32 -30.32 -17.37
CA GLY A 214 3.71 -30.24 -16.96
C GLY A 214 3.80 -29.74 -15.55
N LEU A 215 5.00 -29.32 -15.18
CA LEU A 215 5.28 -28.78 -13.86
C LEU A 215 5.60 -27.30 -13.94
N HIS A 216 5.39 -26.62 -12.82
CA HIS A 216 5.54 -25.18 -12.78
C HIS A 216 6.36 -24.77 -11.56
N MET A 217 7.14 -23.71 -11.74
CA MET A 217 7.80 -23.05 -10.63
CA MET A 217 7.83 -23.06 -10.64
C MET A 217 8.01 -21.59 -10.98
N HIS A 218 8.22 -20.78 -9.95
CA HIS A 218 8.57 -19.39 -10.15
C HIS A 218 9.60 -19.03 -9.09
N VAL A 219 10.75 -18.50 -9.52
CA VAL A 219 11.89 -18.31 -8.63
C VAL A 219 11.69 -17.09 -7.72
N GLY A 220 11.24 -15.98 -8.27
CA GLY A 220 11.12 -14.75 -7.51
C GLY A 220 11.11 -13.56 -8.45
N ASP A 221 11.19 -12.38 -7.84
CA ASP A 221 11.08 -11.11 -8.56
C ASP A 221 12.40 -10.37 -8.47
N GLN A 222 12.81 -9.74 -9.57
CA GLN A 222 14.06 -8.95 -9.65
C GLN A 222 15.25 -9.77 -9.16
N VAL A 223 15.41 -10.95 -9.75
CA VAL A 223 16.49 -11.87 -9.39
C VAL A 223 17.74 -11.46 -10.16
N PRO A 224 18.80 -11.06 -9.49
CA PRO A 224 19.92 -10.41 -10.19
C PRO A 224 21.10 -11.35 -10.41
N GLU A 225 20.80 -12.60 -10.72
CA GLU A 225 21.82 -13.61 -10.93
C GLU A 225 21.17 -14.78 -11.67
N SER A 226 21.95 -15.44 -12.53
N SER A 226 21.94 -15.43 -12.53
CA SER A 226 21.44 -16.50 -13.38
CA SER A 226 21.36 -16.50 -13.34
C SER A 226 21.45 -17.87 -12.71
C SER A 226 21.34 -17.84 -12.60
N GLU A 227 22.23 -18.04 -11.63
CA GLU A 227 22.30 -19.34 -10.98
C GLU A 227 20.98 -19.80 -10.37
N PRO A 228 20.21 -18.98 -9.66
CA PRO A 228 18.94 -19.50 -9.12
C PRO A 228 18.03 -20.03 -10.21
N PHE A 229 18.04 -19.43 -11.39
CA PHE A 229 17.18 -19.93 -12.45
C PHE A 229 17.68 -21.28 -12.95
N ALA A 230 19.01 -21.42 -13.09
CA ALA A 230 19.58 -22.69 -13.51
C ALA A 230 19.30 -23.79 -12.49
N LYS A 231 19.54 -23.51 -11.20
CA LYS A 231 19.32 -24.52 -10.16
C LYS A 231 17.85 -24.92 -10.11
N ALA A 232 16.96 -23.95 -10.11
CA ALA A 232 15.54 -24.26 -9.96
C ALA A 232 15.00 -24.96 -11.21
N THR A 233 15.41 -24.51 -12.40
CA THR A 233 14.94 -25.17 -13.62
C THR A 233 15.42 -26.61 -13.67
N LYS A 234 16.68 -26.84 -13.28
CA LYS A 234 17.20 -28.21 -13.21
C LYS A 234 16.34 -29.08 -12.29
N VAL A 235 15.94 -28.57 -11.12
CA VAL A 235 15.07 -29.35 -10.23
C VAL A 235 13.80 -29.74 -10.97
N LEU A 236 13.17 -28.77 -11.63
CA LEU A 236 11.91 -29.01 -12.33
C LEU A 236 12.12 -29.97 -13.49
N VAL A 237 13.20 -29.78 -14.23
CA VAL A 237 13.50 -30.66 -15.35
C VAL A 237 13.75 -32.08 -14.88
N ASP A 238 14.56 -32.25 -13.82
CA ASP A 238 14.88 -33.59 -13.36
C ASP A 238 13.61 -34.33 -12.90
N GLU A 239 12.71 -33.62 -12.21
CA GLU A 239 11.50 -34.29 -11.78
C GLU A 239 10.56 -34.53 -12.96
N SER A 240 10.50 -33.58 -13.91
CA SER A 240 9.73 -33.82 -15.13
C SER A 240 10.21 -35.07 -15.84
N ARG A 241 11.53 -35.22 -16.02
CA ARG A 241 12.07 -36.38 -16.71
C ARG A 241 11.72 -37.67 -15.96
N ARG A 242 11.92 -37.65 -14.64
CA ARG A 242 11.67 -38.82 -13.82
C ARG A 242 10.20 -39.24 -13.89
N LEU A 243 9.29 -38.28 -13.77
CA LEU A 243 7.86 -38.59 -13.82
C LEU A 243 7.45 -39.13 -15.18
N GLU A 244 8.08 -38.63 -16.26
CA GLU A 244 7.78 -39.18 -17.57
C GLU A 244 8.07 -40.68 -17.61
N GLU A 245 9.19 -41.10 -17.02
CA GLU A 245 9.55 -42.51 -17.00
C GLU A 245 8.66 -43.29 -16.02
N VAL A 246 8.47 -42.74 -14.83
CA VAL A 246 7.71 -43.43 -13.80
C VAL A 246 6.26 -43.63 -14.25
N LEU A 247 5.63 -42.57 -14.74
CA LEU A 247 4.21 -42.58 -15.11
C LEU A 247 3.96 -42.98 -16.55
N GLY A 248 4.99 -43.13 -17.38
CA GLY A 248 4.79 -43.50 -18.77
C GLY A 248 4.07 -42.44 -19.56
N ILE A 249 4.44 -41.18 -19.38
CA ILE A 249 3.79 -40.06 -20.07
C ILE A 249 4.85 -39.18 -20.71
N LYS A 250 4.40 -38.27 -21.57
CA LYS A 250 5.23 -37.23 -22.15
C LYS A 250 4.58 -35.89 -21.84
N PHE A 251 5.29 -35.03 -21.13
CA PHE A 251 4.75 -33.72 -20.75
C PHE A 251 4.63 -32.81 -21.96
N ASP A 252 3.50 -32.12 -22.06
CA ASP A 252 3.39 -31.06 -23.06
C ASP A 252 4.46 -30.00 -22.86
N LEU A 253 4.69 -29.57 -21.63
CA LEU A 253 5.41 -28.34 -21.40
C LEU A 253 6.09 -28.35 -20.03
N ILE A 254 6.86 -27.29 -19.82
CA ILE A 254 7.40 -26.95 -18.50
C ILE A 254 7.29 -25.44 -18.36
N ASN A 255 6.92 -24.98 -17.17
CA ASN A 255 6.65 -23.57 -16.94
C ASN A 255 7.60 -23.09 -15.86
N VAL A 256 8.53 -22.22 -16.24
CA VAL A 256 9.63 -21.83 -15.37
C VAL A 256 9.41 -20.46 -14.74
N GLY A 257 8.23 -19.88 -14.91
CA GLY A 257 7.93 -18.62 -14.25
C GLY A 257 8.61 -17.38 -14.85
N GLY A 258 8.73 -16.37 -14.00
CA GLY A 258 9.27 -15.07 -14.38
C GLY A 258 10.48 -14.67 -13.58
N GLY A 259 10.66 -13.36 -13.36
CA GLY A 259 11.73 -12.88 -12.50
C GLY A 259 12.90 -12.23 -13.19
N ILE A 260 12.86 -12.05 -14.51
CA ILE A 260 13.93 -11.31 -15.20
C ILE A 260 14.03 -9.93 -14.58
N PRO A 261 15.21 -9.50 -14.12
CA PRO A 261 15.33 -8.20 -13.46
C PRO A 261 15.36 -7.07 -14.49
N VAL A 262 15.09 -5.86 -14.00
CA VAL A 262 15.19 -4.63 -14.79
C VAL A 262 16.21 -3.72 -14.12
N PRO A 263 17.07 -3.03 -14.87
CA PRO A 263 18.02 -2.10 -14.24
C PRO A 263 17.29 -0.90 -13.67
N TYR A 264 17.38 -0.71 -12.35
CA TYR A 264 16.91 0.53 -11.74
C TYR A 264 18.06 1.48 -11.38
N LYS A 265 19.28 0.95 -11.28
CA LYS A 265 20.52 1.72 -11.28
C LYS A 265 21.38 1.22 -12.44
N TYR A 266 21.94 2.16 -13.21
CA TYR A 266 22.57 1.79 -14.47
C TYR A 266 24.09 1.74 -14.42
N ASP A 267 24.73 2.36 -13.43
CA ASP A 267 26.19 2.45 -13.41
C ASP A 267 26.75 1.17 -12.78
N ASP A 268 26.67 0.09 -13.58
CA ASP A 268 27.00 -1.25 -13.09
C ASP A 268 28.41 -1.33 -12.55
N GLU A 269 29.34 -0.58 -13.14
CA GLU A 269 30.71 -0.56 -12.65
C GLU A 269 30.77 -0.17 -11.17
N ASN A 270 29.79 0.59 -10.67
CA ASN A 270 29.77 1.03 -9.28
C ASN A 270 28.89 0.16 -8.39
N GLY A 271 28.18 -0.81 -8.94
CA GLY A 271 27.22 -1.59 -8.18
C GLY A 271 27.57 -3.05 -8.13
N ASP A 272 27.07 -3.72 -7.09
CA ASP A 272 27.17 -5.18 -6.97
C ASP A 272 25.76 -5.74 -6.95
N PRO A 273 25.33 -6.44 -7.99
CA PRO A 273 23.93 -6.89 -8.04
C PRO A 273 23.56 -7.81 -6.90
N LEU A 274 24.54 -8.51 -6.32
CA LEU A 274 24.27 -9.42 -5.21
C LEU A 274 24.16 -8.69 -3.88
N LYS A 275 24.57 -7.42 -3.80
CA LYS A 275 24.36 -6.59 -2.62
C LYS A 275 23.24 -5.57 -2.80
N ASP A 276 22.96 -5.17 -4.05
CA ASP A 276 21.95 -4.16 -4.34
C ASP A 276 21.25 -4.58 -5.62
N ASN A 277 20.08 -5.20 -5.49
CA ASN A 277 19.41 -5.73 -6.67
C ASN A 277 18.68 -4.65 -7.49
N MET A 278 18.83 -3.36 -7.17
CA MET A 278 18.49 -2.33 -8.14
C MET A 278 19.42 -2.40 -9.35
N TYR A 279 20.61 -2.93 -9.16
CA TYR A 279 21.44 -3.33 -10.29
C TYR A 279 20.93 -4.67 -10.81
N ALA A 280 20.64 -4.75 -12.10
CA ALA A 280 19.94 -5.92 -12.63
C ALA A 280 20.83 -7.16 -12.65
N GLY A 281 22.13 -7.00 -12.87
CA GLY A 281 23.02 -8.16 -12.80
C GLY A 281 23.01 -9.07 -14.01
N ILE A 282 21.83 -9.41 -14.52
CA ILE A 282 21.70 -10.27 -15.71
C ILE A 282 20.71 -9.62 -16.66
N THR A 283 20.74 -10.09 -17.90
CA THR A 283 19.80 -9.69 -18.94
C THR A 283 18.84 -10.82 -19.23
N ALA A 284 17.83 -10.51 -20.05
CA ALA A 284 16.90 -11.55 -20.50
C ALA A 284 17.64 -12.68 -21.18
N GLN A 285 18.73 -12.36 -21.89
CA GLN A 285 19.51 -13.41 -22.55
C GLN A 285 20.17 -14.35 -21.54
N ASP A 286 20.67 -13.81 -20.42
CA ASP A 286 21.23 -14.68 -19.39
C ASP A 286 20.16 -15.57 -18.80
N PHE A 287 18.96 -15.01 -18.57
CA PHE A 287 17.85 -15.80 -18.06
C PHE A 287 17.49 -16.92 -19.03
N ALA A 288 17.41 -16.59 -20.32
CA ALA A 288 17.06 -17.58 -21.33
C ALA A 288 18.13 -18.66 -21.40
N ASP A 289 19.40 -18.25 -21.49
CA ASP A 289 20.50 -19.21 -21.56
C ASP A 289 20.45 -20.17 -20.38
N ALA A 290 20.12 -19.68 -19.19
CA ALA A 290 20.09 -20.54 -18.01
C ALA A 290 18.93 -21.53 -18.08
N VAL A 291 17.75 -21.06 -18.47
CA VAL A 291 16.56 -21.91 -18.53
C VAL A 291 16.70 -22.93 -19.65
N ILE A 292 16.97 -22.46 -20.86
CA ILE A 292 17.02 -23.33 -22.03
C ILE A 292 18.07 -24.41 -21.86
N ARG A 293 19.25 -24.04 -21.35
CA ARG A 293 20.28 -25.06 -21.16
C ARG A 293 19.77 -26.19 -20.30
N GLU A 294 19.09 -25.89 -19.20
CA GLU A 294 18.64 -26.95 -18.32
C GLU A 294 17.54 -27.77 -18.98
N VAL A 295 16.63 -27.12 -19.70
CA VAL A 295 15.54 -27.89 -20.31
C VAL A 295 16.09 -28.83 -21.38
N HIS A 296 17.05 -28.37 -22.18
CA HIS A 296 17.56 -29.18 -23.28
C HIS A 296 18.31 -30.44 -22.80
N LYS A 297 18.77 -30.47 -21.55
CA LYS A 297 19.33 -31.71 -21.03
C LYS A 297 18.27 -32.80 -20.90
N TRP A 298 17.00 -32.48 -21.14
CA TRP A 298 15.90 -33.41 -21.05
C TRP A 298 15.20 -33.56 -22.38
N ARG A 299 14.63 -32.49 -22.93
CA ARG A 299 14.00 -32.54 -24.24
C ARG A 299 14.23 -31.20 -24.93
N THR A 300 14.45 -31.24 -26.25
CA THR A 300 14.56 -30.01 -27.03
C THR A 300 13.24 -29.62 -27.69
N ASP A 301 12.27 -30.53 -27.73
CA ASP A 301 11.00 -30.28 -28.37
C ASP A 301 9.94 -29.80 -27.39
N VAL A 302 10.13 -30.02 -26.09
CA VAL A 302 9.09 -29.65 -25.14
C VAL A 302 8.87 -28.14 -25.14
N GLU A 303 7.65 -27.73 -24.86
CA GLU A 303 7.34 -26.32 -24.83
C GLU A 303 7.79 -25.71 -23.51
N ILE A 304 8.49 -24.59 -23.58
CA ILE A 304 8.86 -23.82 -22.40
C ILE A 304 7.90 -22.64 -22.27
N CYS A 305 7.17 -22.57 -21.15
CA CYS A 305 6.40 -21.39 -20.84
C CYS A 305 7.17 -20.51 -19.86
N ILE A 306 7.15 -19.19 -20.10
CA ILE A 306 7.75 -18.21 -19.20
C ILE A 306 6.71 -17.16 -18.86
N GLU A 307 6.88 -16.54 -17.70
CA GLU A 307 5.86 -15.63 -17.15
C GLU A 307 6.46 -14.28 -16.75
N PRO A 308 7.19 -13.61 -17.64
CA PRO A 308 7.80 -12.33 -17.27
C PRO A 308 6.74 -11.26 -17.01
N GLY A 309 6.97 -10.47 -15.99
CA GLY A 309 6.10 -9.35 -15.72
C GLY A 309 6.88 -8.05 -15.74
N ARG A 310 7.70 -7.85 -14.71
CA ARG A 310 8.49 -6.63 -14.55
C ARG A 310 9.23 -6.24 -15.82
N LYS A 311 9.92 -7.18 -16.45
CA LYS A 311 10.73 -6.87 -17.61
C LYS A 311 9.90 -6.30 -18.77
N VAL A 312 8.63 -6.71 -18.89
CA VAL A 312 7.83 -6.23 -20.02
C VAL A 312 7.61 -4.72 -19.91
N THR A 313 7.27 -4.21 -18.72
CA THR A 313 6.86 -2.82 -18.56
C THR A 313 7.75 -1.95 -17.68
N GLY A 314 8.64 -2.53 -16.88
CA GLY A 314 9.33 -1.75 -15.85
C GLY A 314 9.96 -0.47 -16.38
N SER A 315 10.74 -0.59 -17.45
CA SER A 315 11.47 0.53 -18.03
C SER A 315 10.59 1.43 -18.89
N ALA A 316 9.32 1.08 -19.09
CA ALA A 316 8.49 1.70 -20.10
C ALA A 316 7.55 2.78 -19.55
N ALA A 317 7.73 3.20 -18.30
CA ALA A 317 6.92 4.32 -17.79
C ALA A 317 7.76 5.31 -16.99
N VAL A 318 7.24 6.52 -16.88
CA VAL A 318 7.81 7.59 -16.07
C VAL A 318 6.69 8.15 -15.22
N LEU A 319 6.95 8.37 -13.93
CA LEU A 319 6.03 9.11 -13.06
C LEU A 319 6.36 10.60 -13.14
N LEU A 320 5.38 11.41 -13.53
CA LEU A 320 5.55 12.86 -13.61
C LEU A 320 4.80 13.52 -12.45
N THR A 321 5.53 14.31 -11.66
CA THR A 321 4.98 14.95 -10.48
C THR A 321 5.52 16.37 -10.36
N GLU A 322 4.64 17.30 -10.05
CA GLU A 322 5.01 18.71 -10.02
C GLU A 322 5.50 19.11 -8.64
N VAL A 323 6.59 19.87 -8.60
CA VAL A 323 7.06 20.46 -7.37
C VAL A 323 6.02 21.45 -6.87
N SER A 324 5.45 21.18 -5.70
CA SER A 324 4.25 21.86 -5.27
C SER A 324 4.47 22.76 -4.06
N CYS A 325 5.58 22.61 -3.36
CA CYS A 325 5.92 23.47 -2.26
C CYS A 325 7.40 23.29 -1.99
N GLU A 326 7.97 24.22 -1.24
CA GLU A 326 9.36 24.16 -0.86
C GLU A 326 9.52 24.84 0.50
N LYS A 327 10.54 24.41 1.25
CA LYS A 327 10.83 25.00 2.54
C LYS A 327 12.23 24.60 2.96
N ARG A 328 12.85 25.48 3.73
CA ARG A 328 14.10 25.19 4.42
C ARG A 328 13.78 24.93 5.88
N LYS A 329 14.28 23.84 6.43
CA LYS A 329 14.07 23.48 7.83
CA LYS A 329 14.07 23.53 7.83
C LYS A 329 15.39 23.35 8.56
N THR A 330 15.38 23.70 9.84
CA THR A 330 16.52 23.49 10.73
C THR A 330 16.31 22.20 11.53
N ASN A 331 17.35 21.38 11.60
CA ASN A 331 17.34 20.19 12.44
C ASN A 331 18.18 20.47 13.68
N TYR A 332 17.55 20.42 14.83
CA TYR A 332 18.21 20.66 16.11
C TYR A 332 18.53 19.33 16.79
N ASP A 333 19.44 19.40 17.77
CA ASP A 333 19.68 18.27 18.66
C ASP A 333 18.74 18.38 19.86
N LEU A 334 18.77 17.37 20.74
CA LEU A 334 17.82 17.31 21.84
C LEU A 334 17.91 18.53 22.78
N ASN A 335 18.99 19.31 22.70
CA ASN A 335 19.14 20.51 23.54
C ASN A 335 19.02 21.80 22.73
N GLY A 336 18.35 21.76 21.57
CA GLY A 336 18.02 22.97 20.84
C GLY A 336 19.18 23.69 20.19
N ASN A 337 20.23 22.97 19.82
CA ASN A 337 21.35 23.53 19.07
C ASN A 337 21.27 23.04 17.63
N VAL A 338 21.58 23.93 16.69
CA VAL A 338 21.44 23.60 15.27
C VAL A 338 22.37 22.45 14.92
N GLU A 339 21.85 21.47 14.19
CA GLU A 339 22.67 20.44 13.56
C GLU A 339 22.96 20.77 12.10
N CYS A 340 21.92 20.96 11.30
CA CYS A 340 22.07 21.25 9.88
C CYS A 340 20.84 21.99 9.39
N HIS A 341 20.81 22.25 8.08
CA HIS A 341 19.62 22.77 7.43
C HIS A 341 19.26 21.86 6.27
N VAL A 342 17.96 21.69 6.03
CA VAL A 342 17.43 20.77 5.04
C VAL A 342 16.57 21.54 4.06
N GLU A 343 16.90 21.45 2.77
CA GLU A 343 16.05 21.99 1.72
C GLU A 343 15.03 20.92 1.32
N TRP A 344 13.78 21.11 1.73
CA TRP A 344 12.70 20.21 1.37
C TRP A 344 12.02 20.68 0.09
N LYS A 345 11.93 19.79 -0.88
CA LYS A 345 11.06 19.99 -2.03
C LYS A 345 9.88 19.03 -1.91
N PHE A 346 8.68 19.56 -2.10
CA PHE A 346 7.45 18.77 -2.02
C PHE A 346 6.88 18.59 -3.42
N VAL A 347 6.63 17.34 -3.80
CA VAL A 347 5.99 17.02 -5.06
C VAL A 347 4.58 16.52 -4.76
N ASP A 348 3.71 16.58 -5.77
CA ASP A 348 2.33 16.17 -5.52
C ASP A 348 2.11 14.65 -5.63
N ALA A 349 3.17 13.84 -5.61
CA ALA A 349 3.08 12.40 -5.54
C ALA A 349 3.77 11.91 -4.27
N GLY A 350 3.05 11.11 -3.48
CA GLY A 350 3.63 10.43 -2.35
C GLY A 350 3.62 8.91 -2.54
N TYR A 351 3.84 8.20 -1.45
CA TYR A 351 3.95 6.76 -1.63
C TYR A 351 2.61 6.10 -1.97
N SER A 352 1.49 6.80 -1.77
CA SER A 352 0.22 6.27 -2.22
C SER A 352 0.13 6.21 -3.75
N VAL A 353 1.04 6.89 -4.44
CA VAL A 353 1.13 6.93 -5.89
C VAL A 353 2.25 6.04 -6.39
N LEU A 354 3.35 5.95 -5.60
CA LEU A 354 4.52 5.13 -5.93
C LEU A 354 4.83 4.25 -4.72
N SER A 355 4.10 3.14 -4.62
CA SER A 355 4.10 2.32 -3.39
CA SER A 355 4.11 2.36 -3.38
C SER A 355 5.48 1.77 -3.07
N ASP A 356 6.16 1.21 -4.06
CA ASP A 356 7.38 0.48 -3.77
C ASP A 356 8.52 1.39 -3.29
N SER A 357 8.49 2.68 -3.63
CA SER A 357 9.52 3.61 -3.14
C SER A 357 9.54 3.64 -1.62
N GLN A 358 8.39 3.40 -1.00
CA GLN A 358 8.26 3.37 0.46
C GLN A 358 8.34 1.96 0.99
N HIS A 359 7.46 1.08 0.51
CA HIS A 359 7.23 -0.19 1.18
C HIS A 359 8.26 -1.23 0.83
N PHE A 360 8.99 -1.06 -0.29
CA PHE A 360 9.98 -2.06 -0.70
C PHE A 360 11.32 -1.42 -1.03
N ASP A 361 11.56 -0.21 -0.50
CA ASP A 361 12.87 0.45 -0.57
C ASP A 361 13.39 0.46 -2.00
N TRP A 362 12.50 0.76 -2.94
CA TRP A 362 12.83 0.67 -4.34
C TRP A 362 13.41 1.99 -4.82
N PHE A 363 14.54 1.91 -5.52
CA PHE A 363 15.15 3.09 -6.11
C PHE A 363 14.62 3.32 -7.52
N PHE A 364 14.30 4.58 -7.80
CA PHE A 364 14.01 5.06 -9.14
C PHE A 364 14.84 6.31 -9.36
N TYR A 365 15.39 6.45 -10.56
CA TYR A 365 16.08 7.69 -10.90
C TYR A 365 15.11 8.86 -10.84
N VAL A 366 15.52 9.93 -10.17
CA VAL A 366 14.76 11.16 -10.05
C VAL A 366 15.55 12.28 -10.73
N TYR A 367 14.87 13.03 -11.59
CA TYR A 367 15.48 14.15 -12.27
C TYR A 367 14.47 15.28 -12.34
N ASN A 368 14.97 16.49 -12.53
CA ASN A 368 14.10 17.63 -12.82
C ASN A 368 13.85 17.62 -14.32
N ALA A 369 12.67 17.15 -14.72
CA ALA A 369 12.32 17.06 -16.12
C ALA A 369 12.25 18.44 -16.78
N SER A 370 11.92 19.48 -16.00
CA SER A 370 11.88 20.84 -16.54
C SER A 370 13.28 21.42 -16.74
N ARG A 371 14.26 20.95 -16.00
CA ARG A 371 15.64 21.43 -16.07
C ARG A 371 16.57 20.24 -16.28
N MET A 372 16.26 19.40 -17.28
N MET A 372 16.24 19.43 -17.29
CA MET A 372 16.97 18.15 -17.44
CA MET A 372 16.93 18.16 -17.52
C MET A 372 18.41 18.36 -17.90
C MET A 372 18.39 18.37 -17.91
N THR A 373 18.69 19.47 -18.60
CA THR A 373 20.04 19.76 -19.05
C THR A 373 20.83 20.57 -18.03
N ALA A 374 20.20 21.01 -16.95
CA ALA A 374 20.90 21.74 -15.90
C ALA A 374 21.61 20.77 -14.96
N ALA A 375 22.77 21.18 -14.48
CA ALA A 375 23.46 20.41 -13.45
C ALA A 375 22.55 20.16 -12.25
N HIS A 376 22.47 18.90 -11.83
CA HIS A 376 21.74 18.56 -10.62
C HIS A 376 22.71 18.68 -9.45
N ASP A 377 22.81 19.88 -8.89
CA ASP A 377 23.95 20.25 -8.05
C ASP A 377 23.56 20.70 -6.65
N ALA A 378 22.31 20.50 -6.24
CA ALA A 378 21.89 20.83 -4.88
C ALA A 378 21.35 19.56 -4.22
N TRP A 379 21.77 19.34 -2.98
CA TRP A 379 21.24 18.25 -2.18
C TRP A 379 19.94 18.68 -1.52
N ILE A 380 18.87 17.91 -1.76
CA ILE A 380 17.55 18.24 -1.26
C ILE A 380 16.91 16.97 -0.72
N LYS A 381 15.85 17.15 0.06
CA LYS A 381 15.01 16.04 0.46
C LYS A 381 13.64 16.19 -0.18
N LEU A 382 13.14 15.09 -0.71
CA LEU A 382 11.96 15.06 -1.59
C LEU A 382 10.80 14.45 -0.83
N ALA A 383 9.80 15.26 -0.53
CA ALA A 383 8.66 14.84 0.27
C ALA A 383 7.43 14.70 -0.61
N GLY A 384 6.53 13.82 -0.20
CA GLY A 384 5.22 13.75 -0.78
C GLY A 384 4.21 14.59 -0.01
N PRO A 385 2.97 14.64 -0.48
CA PRO A 385 1.94 15.44 0.17
C PRO A 385 1.19 14.74 1.29
N LEU A 386 1.47 13.48 1.57
CA LEU A 386 0.66 12.75 2.53
C LEU A 386 0.92 13.24 3.96
N SER A 387 -0.02 12.91 4.83
CA SER A 387 0.07 13.25 6.25
C SER A 387 1.25 12.58 6.95
N ASP A 388 1.64 11.38 6.52
CA ASP A 388 2.69 10.62 7.21
C ASP A 388 3.98 11.41 7.27
N GLY A 389 4.55 11.50 8.47
CA GLY A 389 5.89 12.06 8.57
C GLY A 389 6.87 11.34 7.66
N GLY A 390 6.70 10.03 7.53
CA GLY A 390 7.53 9.22 6.68
C GLY A 390 7.18 9.23 5.22
N ASP A 391 6.18 9.99 4.78
CA ASP A 391 5.92 10.11 3.35
C ASP A 391 6.91 11.12 2.76
N TYR A 392 8.14 10.65 2.62
CA TYR A 392 9.10 11.27 1.73
C TYR A 392 9.89 10.14 1.10
N PHE A 393 10.65 10.46 0.06
CA PHE A 393 11.31 9.40 -0.69
C PHE A 393 12.68 9.17 -0.05
N HIS A 394 12.84 7.99 0.58
CA HIS A 394 14.03 7.68 1.36
C HIS A 394 15.16 7.13 0.50
N MET A 395 14.86 6.63 -0.70
CA MET A 395 15.85 5.95 -1.53
C MET A 395 16.54 6.97 -2.44
N GLY A 396 17.31 7.85 -1.81
CA GLY A 396 17.93 8.97 -2.48
C GLY A 396 19.18 8.61 -3.25
N VAL A 397 19.83 9.65 -3.78
CA VAL A 397 21.11 9.50 -4.46
C VAL A 397 22.23 9.27 -3.45
N LYS A 398 22.19 10.00 -2.34
CA LYS A 398 23.07 9.76 -1.22
C LYS A 398 22.21 9.72 0.03
N GLY A 399 22.12 8.55 0.67
CA GLY A 399 21.26 8.43 1.83
C GLY A 399 19.84 8.80 1.44
N GLU A 400 19.20 9.60 2.28
CA GLU A 400 17.85 10.07 2.02
C GLU A 400 17.81 11.36 1.22
N GLU A 401 18.92 11.72 0.57
CA GLU A 401 19.07 12.98 -0.13
C GLU A 401 19.14 12.76 -1.64
N PHE A 402 18.47 13.63 -2.38
CA PHE A 402 18.46 13.63 -3.84
C PHE A 402 19.26 14.83 -4.37
N LEU A 403 19.50 14.82 -5.67
CA LEU A 403 20.20 15.89 -6.36
C LEU A 403 19.25 16.53 -7.37
N LEU A 404 19.01 17.81 -7.23
CA LEU A 404 18.24 18.59 -8.18
C LEU A 404 19.02 19.84 -8.49
N PRO A 405 18.70 20.53 -9.59
CA PRO A 405 19.35 21.81 -9.85
C PRO A 405 19.04 22.80 -8.73
N LYS A 406 20.05 23.58 -8.34
CA LYS A 406 19.83 24.57 -7.30
C LYS A 406 18.82 25.62 -7.72
N GLU A 407 18.48 25.69 -9.01
CA GLU A 407 17.52 26.62 -9.56
C GLU A 407 16.09 26.09 -9.50
N THR A 408 15.89 24.85 -9.06
CA THR A 408 14.56 24.26 -9.01
C THR A 408 13.59 25.16 -8.25
N HIS A 409 12.42 25.37 -8.82
CA HIS A 409 11.39 26.13 -8.12
CA HIS A 409 11.37 26.18 -8.22
C HIS A 409 10.05 25.42 -8.24
N VAL A 410 9.11 25.88 -7.41
CA VAL A 410 7.78 25.31 -7.42
C VAL A 410 7.20 25.45 -8.81
N GLY A 411 6.60 24.37 -9.32
CA GLY A 411 6.10 24.33 -10.67
C GLY A 411 6.96 23.52 -11.62
N ASP A 412 8.21 23.24 -11.26
CA ASP A 412 9.01 22.30 -12.04
C ASP A 412 8.42 20.90 -11.97
N ILE A 413 8.63 20.14 -13.04
CA ILE A 413 8.17 18.76 -13.12
C ILE A 413 9.33 17.84 -12.78
N VAL A 414 9.14 17.00 -11.76
CA VAL A 414 10.10 15.97 -11.38
C VAL A 414 9.66 14.66 -12.00
N ALA A 415 10.63 13.91 -12.53
CA ALA A 415 10.35 12.65 -13.19
C ALA A 415 11.03 11.51 -12.43
N PHE A 416 10.26 10.46 -12.14
CA PHE A 416 10.79 9.18 -11.69
C PHE A 416 10.84 8.23 -12.90
N LEU A 417 12.03 7.74 -13.22
CA LEU A 417 12.18 6.79 -14.31
C LEU A 417 11.90 5.37 -13.83
N ASP A 418 11.77 4.47 -14.82
CA ASP A 418 11.64 3.03 -14.58
C ASP A 418 10.44 2.71 -13.71
N ALA A 419 9.31 3.35 -14.04
CA ALA A 419 8.15 3.38 -13.17
C ALA A 419 6.99 2.58 -13.75
N GLY A 420 7.27 1.58 -14.58
CA GLY A 420 6.23 0.85 -15.27
C GLY A 420 5.81 -0.49 -14.71
N ALA A 421 6.49 -1.02 -13.69
CA ALA A 421 6.14 -2.32 -13.12
C ALA A 421 5.65 -2.17 -11.68
N TYR A 422 4.45 -2.68 -11.41
CA TYR A 422 3.89 -2.76 -10.06
C TYR A 422 3.63 -1.38 -9.44
N THR A 423 3.29 -0.38 -10.26
CA THR A 423 3.11 0.99 -9.79
C THR A 423 1.68 1.49 -9.89
N ILE A 424 0.81 0.83 -10.65
CA ILE A 424 -0.54 1.36 -10.83
C ILE A 424 -1.56 0.72 -9.88
N GLU A 425 -1.65 -0.61 -9.89
CA GLU A 425 -2.67 -1.28 -9.07
C GLU A 425 -2.37 -1.17 -7.59
N SER A 426 -1.12 -0.87 -7.22
CA SER A 426 -0.69 -0.74 -5.83
C SER A 426 -0.95 0.66 -5.27
N GLN A 427 -1.53 1.56 -6.05
CA GLN A 427 -1.83 2.89 -5.56
C GLN A 427 -3.00 2.84 -4.58
N THR A 428 -3.09 3.86 -3.73
CA THR A 428 -4.20 3.96 -2.78
C THR A 428 -4.87 5.34 -2.88
N VAL A 429 -6.03 5.47 -2.24
CA VAL A 429 -6.63 6.78 -2.06
C VAL A 429 -6.41 7.28 -0.64
N TYR A 430 -5.26 6.93 -0.05
CA TYR A 430 -4.92 7.45 1.28
C TYR A 430 -4.92 8.98 1.29
N ASN A 431 -5.44 9.56 2.38
CA ASN A 431 -5.70 11.00 2.52
C ASN A 431 -6.69 11.51 1.48
N ASN A 432 -7.42 10.60 0.81
N ASN A 432 -7.42 10.60 0.82
CA ASN A 432 -8.28 10.93 -0.33
CA ASN A 432 -8.25 10.91 -0.35
C ASN A 432 -7.52 11.70 -1.42
C ASN A 432 -7.48 11.77 -1.33
N ARG A 433 -6.23 11.39 -1.57
CA ARG A 433 -5.75 11.87 -2.86
CA ARG A 433 -5.66 11.83 -2.86
C ARG A 433 -6.02 10.81 -3.92
N PRO A 434 -6.40 11.24 -5.12
CA PRO A 434 -6.82 10.28 -6.15
C PRO A 434 -5.68 9.42 -6.63
N ARG A 435 -6.03 8.20 -7.04
CA ARG A 435 -5.08 7.43 -7.82
C ARG A 435 -4.89 8.12 -9.16
N THR A 436 -3.73 7.89 -9.78
CA THR A 436 -3.28 8.76 -10.85
C THR A 436 -3.90 8.39 -12.20
N GLY A 437 -4.04 9.41 -13.05
CA GLY A 437 -4.22 9.14 -14.46
C GLY A 437 -3.01 8.45 -15.05
N VAL A 438 -3.21 7.87 -16.23
CA VAL A 438 -2.14 7.18 -16.96
C VAL A 438 -2.24 7.54 -18.43
N VAL A 439 -1.14 8.02 -19.01
CA VAL A 439 -1.06 8.45 -20.40
C VAL A 439 -0.20 7.45 -21.14
N MET A 440 -0.56 7.16 -22.39
CA MET A 440 0.19 6.24 -23.23
C MET A 440 0.70 6.93 -24.48
N ILE A 441 1.98 6.73 -24.78
CA ILE A 441 2.59 7.13 -26.05
C ILE A 441 2.52 5.93 -26.98
N ASP A 442 1.83 6.08 -28.11
CA ASP A 442 1.65 4.96 -29.02
C ASP A 442 2.84 4.86 -29.98
N LYS A 443 2.77 3.89 -30.90
CA LYS A 443 3.89 3.62 -31.81
C LYS A 443 4.24 4.81 -32.72
N ASN A 444 3.33 5.76 -32.90
CA ASN A 444 3.56 6.93 -33.72
CA ASN A 444 3.68 6.90 -33.73
C ASN A 444 4.13 8.11 -32.92
N GLY A 445 4.20 7.98 -31.61
CA GLY A 445 4.65 9.08 -30.78
C GLY A 445 3.54 9.97 -30.29
N ASP A 446 2.28 9.57 -30.47
CA ASP A 446 1.14 10.35 -30.05
C ASP A 446 0.65 9.88 -28.68
N THR A 447 0.10 10.81 -27.92
CA THR A 447 -0.29 10.56 -26.55
C THR A 447 -1.80 10.51 -26.40
N ARG A 448 -2.26 9.71 -25.44
CA ARG A 448 -3.67 9.65 -25.08
C ARG A 448 -3.80 9.18 -23.63
N LEU A 449 -4.90 9.54 -23.02
CA LEU A 449 -5.20 9.08 -21.68
C LEU A 449 -5.74 7.66 -21.75
N ILE A 450 -5.16 6.75 -20.97
CA ILE A 450 -5.65 5.37 -20.91
C ILE A 450 -6.21 5.00 -19.55
N ARG A 451 -6.07 5.88 -18.56
CA ARG A 451 -6.74 5.71 -17.28
CA ARG A 451 -6.71 5.71 -17.26
C ARG A 451 -6.96 7.11 -16.71
N ARG A 452 -8.17 7.36 -16.22
CA ARG A 452 -8.42 8.65 -15.64
C ARG A 452 -7.93 8.67 -14.19
N GLU A 453 -7.54 9.85 -13.74
CA GLU A 453 -7.41 10.07 -12.32
C GLU A 453 -8.75 9.82 -11.64
N ASP A 454 -8.71 9.20 -10.46
CA ASP A 454 -9.92 9.09 -9.66
C ASP A 454 -10.50 10.48 -9.43
N SER A 455 -11.79 10.64 -9.69
CA SER A 455 -12.45 11.89 -9.36
C SER A 455 -12.98 11.86 -7.93
N TYR A 456 -13.38 13.03 -7.43
CA TYR A 456 -14.02 13.07 -6.12
C TYR A 456 -15.19 12.10 -6.07
N GLU A 457 -16.03 12.13 -7.10
CA GLU A 457 -17.19 11.27 -7.13
CA GLU A 457 -17.20 11.26 -7.14
C GLU A 457 -16.79 9.79 -7.09
N ASP A 458 -15.79 9.41 -7.90
N ASP A 458 -15.58 9.48 -7.58
CA ASP A 458 -15.43 8.00 -7.99
CA ASP A 458 -15.01 8.15 -7.33
C ASP A 458 -15.16 7.43 -6.61
C ASP A 458 -14.67 7.92 -5.86
N MET A 459 -14.53 8.23 -5.75
N MET A 459 -14.27 8.96 -5.14
CA MET A 459 -14.07 7.74 -4.46
CA MET A 459 -13.89 8.75 -3.74
C MET A 459 -15.23 7.61 -3.46
C MET A 459 -15.07 8.27 -2.90
N VAL A 460 -16.18 8.54 -3.49
N VAL A 460 -16.29 8.64 -3.28
CA VAL A 460 -17.33 8.43 -2.57
CA VAL A 460 -17.47 8.37 -2.45
C VAL A 460 -18.44 7.55 -3.13
C VAL A 460 -18.44 7.39 -3.09
N LYS A 461 -18.32 7.08 -4.38
CA LYS A 461 -19.35 6.27 -5.01
CA LYS A 461 -19.34 6.27 -5.03
C LYS A 461 -19.43 4.86 -4.43
N TYR A 462 -18.35 4.37 -3.81
CA TYR A 462 -18.40 3.03 -3.20
C TYR A 462 -19.12 3.04 -1.86
N ASP A 463 -19.25 4.21 -1.24
CA ASP A 463 -19.89 4.30 0.06
C ASP A 463 -21.40 4.38 -0.12
N ILE A 464 -22.11 3.85 0.87
CA ILE A 464 -23.56 3.93 0.94
C ILE A 464 -23.87 4.84 2.10
N TYR A 465 -24.42 6.01 1.81
CA TYR A 465 -24.61 7.01 2.84
C TYR A 465 -25.74 7.94 2.42
N LEU A 466 -26.27 8.67 3.40
CA LEU A 466 -27.25 9.72 3.15
C LEU A 466 -26.50 11.05 3.03
N LEU A 467 -26.62 11.69 1.87
CA LEU A 467 -25.96 12.96 1.64
C LEU A 467 -26.58 14.02 2.54
N ALA A 468 -25.72 14.87 3.11
CA ALA A 468 -26.20 15.92 4.00
C ALA A 468 -26.20 17.30 3.37
N ALA A 469 -25.30 17.56 2.41
CA ALA A 469 -25.19 18.87 1.78
C ALA A 469 -24.79 18.68 0.32
N ALA A 470 -25.46 19.41 -0.57
CA ALA A 470 -25.16 19.34 -2.01
C ALA A 470 -24.13 20.38 -2.42
N THR B 2 6.69 -21.22 24.83
CA THR B 2 5.88 -21.79 23.76
C THR B 2 4.56 -22.34 24.31
N ASP B 3 4.66 -23.33 25.20
CA ASP B 3 3.47 -23.75 25.94
C ASP B 3 2.93 -22.60 26.79
N SER B 4 3.85 -21.77 27.32
CA SER B 4 3.45 -20.57 28.03
C SER B 4 2.85 -19.54 27.08
N ILE B 5 3.46 -19.35 25.91
CA ILE B 5 2.88 -18.42 24.93
C ILE B 5 1.48 -18.87 24.53
N MET B 6 1.30 -20.18 24.33
CA MET B 6 -0.02 -20.70 23.95
C MET B 6 -1.04 -20.53 25.07
N GLN B 7 -0.66 -20.80 26.31
CA GLN B 7 -1.58 -20.54 27.42
C GLN B 7 -1.90 -19.08 27.53
N ASN B 8 -0.89 -18.20 27.39
CA ASN B 8 -1.16 -16.78 27.50
C ASN B 8 -2.08 -16.31 26.39
N TYR B 9 -1.87 -16.80 25.16
CA TYR B 9 -2.73 -16.38 24.05
C TYR B 9 -4.15 -16.84 24.28
N ASN B 10 -4.34 -17.98 24.91
CA ASN B 10 -5.69 -18.46 25.11
C ASN B 10 -6.36 -17.81 26.31
N GLN B 11 -5.58 -17.33 27.28
CA GLN B 11 -6.15 -16.46 28.30
C GLN B 11 -6.63 -15.15 27.71
N LEU B 12 -5.82 -14.55 26.83
CA LEU B 12 -6.26 -13.38 26.08
C LEU B 12 -7.53 -13.68 25.29
N ARG B 13 -7.61 -14.87 24.68
CA ARG B 13 -8.79 -15.24 23.92
C ARG B 13 -10.02 -15.29 24.80
N GLU B 14 -9.91 -15.90 25.98
CA GLU B 14 -11.05 -15.99 26.89
C GLU B 14 -11.49 -14.61 27.35
N GLN B 15 -10.52 -13.71 27.56
CA GLN B 15 -10.83 -12.33 27.94
CA GLN B 15 -10.87 -12.35 27.97
C GLN B 15 -11.59 -11.59 26.85
N VAL B 16 -11.31 -11.91 25.59
CA VAL B 16 -12.05 -11.26 24.49
C VAL B 16 -13.54 -11.57 24.60
N ILE B 17 -13.88 -12.83 24.91
CA ILE B 17 -15.27 -13.23 24.95
C ILE B 17 -15.84 -13.22 26.37
N ASN B 18 -15.04 -12.86 27.38
CA ASN B 18 -15.50 -12.83 28.77
C ASN B 18 -14.90 -11.66 29.55
N GLY B 19 -15.10 -10.44 29.06
N GLY B 19 -15.17 -10.44 29.07
CA GLY B 19 -14.55 -9.31 29.78
CA GLY B 19 -14.81 -9.23 29.81
C GLY B 19 -14.00 -8.25 28.85
C GLY B 19 -14.69 -7.99 28.94
N ASP B 20 -14.54 -8.20 27.64
CA ASP B 20 -14.28 -7.13 26.69
C ASP B 20 -15.60 -6.47 26.33
N ARG B 21 -15.66 -5.14 26.49
CA ARG B 21 -16.90 -4.41 26.28
C ARG B 21 -17.44 -4.55 24.85
N ARG B 22 -16.61 -4.98 23.91
CA ARG B 22 -16.98 -5.07 22.50
C ARG B 22 -17.54 -6.43 22.10
N PHE B 23 -17.12 -7.49 22.75
CA PHE B 23 -17.27 -8.83 22.20
C PHE B 23 -17.97 -9.78 23.17
N GLN B 24 -18.65 -10.76 22.59
CA GLN B 24 -19.28 -11.87 23.29
C GLN B 24 -19.02 -13.14 22.50
N HIS B 25 -19.47 -14.27 23.03
CA HIS B 25 -19.54 -15.48 22.22
C HIS B 25 -20.96 -16.02 22.24
N LYS B 26 -21.35 -16.61 21.12
CA LYS B 26 -22.65 -17.24 21.01
C LYS B 26 -22.54 -18.34 19.97
N ASP B 27 -23.05 -19.52 20.32
CA ASP B 27 -23.00 -20.70 19.44
C ASP B 27 -21.56 -21.02 19.04
N GLY B 28 -20.61 -20.76 19.95
CA GLY B 28 -19.21 -20.97 19.64
C GLY B 28 -18.58 -19.92 18.74
N HIS B 29 -19.30 -18.85 18.41
CA HIS B 29 -18.84 -17.83 17.47
C HIS B 29 -18.50 -16.52 18.18
N LEU B 30 -17.53 -15.80 17.62
CA LEU B 30 -17.24 -14.47 18.12
C LEU B 30 -18.39 -13.53 17.75
N CYS B 31 -18.85 -12.75 18.72
CA CYS B 31 -19.86 -11.72 18.48
C CYS B 31 -19.28 -10.34 18.76
N PHE B 32 -19.75 -9.38 17.98
CA PHE B 32 -19.37 -7.96 18.02
C PHE B 32 -20.64 -7.18 18.28
N GLU B 33 -20.76 -6.57 19.46
CA GLU B 33 -21.96 -5.83 19.85
C GLU B 33 -23.22 -6.68 19.70
N GLY B 34 -23.10 -7.97 20.06
CA GLY B 34 -24.20 -8.90 19.93
C GLY B 34 -24.39 -9.49 18.55
N VAL B 35 -23.61 -9.07 17.55
CA VAL B 35 -23.72 -9.59 16.20
C VAL B 35 -22.77 -10.77 16.03
N ASP B 36 -23.32 -11.94 15.71
CA ASP B 36 -22.54 -13.14 15.40
C ASP B 36 -21.70 -12.92 14.14
N LEU B 37 -20.37 -12.88 14.28
CA LEU B 37 -19.54 -12.54 13.12
C LEU B 37 -19.39 -13.69 12.14
N ASP B 38 -19.56 -14.93 12.59
CA ASP B 38 -19.59 -16.03 11.63
C ASP B 38 -20.83 -15.90 10.75
N ALA B 39 -21.98 -15.66 11.38
CA ALA B 39 -23.24 -15.45 10.65
C ALA B 39 -23.14 -14.25 9.71
N LEU B 40 -22.60 -13.14 10.20
CA LEU B 40 -22.45 -11.96 9.36
C LEU B 40 -21.59 -12.25 8.14
N ALA B 41 -20.53 -13.03 8.31
CA ALA B 41 -19.65 -13.31 7.18
C ALA B 41 -20.30 -14.25 6.16
N ARG B 42 -21.40 -14.90 6.50
CA ARG B 42 -22.15 -15.66 5.52
C ARG B 42 -23.11 -14.80 4.73
N GLN B 43 -23.37 -13.58 5.18
CA GLN B 43 -24.29 -12.67 4.52
C GLN B 43 -23.62 -11.73 3.55
N TYR B 44 -22.32 -11.53 3.70
CA TYR B 44 -21.54 -10.62 2.87
C TYR B 44 -20.29 -11.33 2.35
N PRO B 45 -19.84 -11.01 1.14
CA PRO B 45 -18.61 -11.66 0.61
C PRO B 45 -17.37 -11.25 1.39
N THR B 46 -16.59 -12.24 1.81
CA THR B 46 -15.34 -11.93 2.49
C THR B 46 -14.23 -11.68 1.48
N PRO B 47 -13.17 -10.97 1.86
CA PRO B 47 -12.98 -10.30 3.16
C PRO B 47 -13.76 -9.01 3.25
N PHE B 48 -14.19 -8.65 4.46
CA PHE B 48 -14.75 -7.32 4.66
C PHE B 48 -14.50 -6.88 6.10
N TYR B 49 -14.61 -5.57 6.30
CA TYR B 49 -14.50 -4.91 7.59
C TYR B 49 -15.88 -4.68 8.19
N VAL B 50 -15.99 -4.85 9.51
N VAL B 50 -15.97 -4.85 9.51
CA VAL B 50 -17.22 -4.49 10.21
CA VAL B 50 -17.17 -4.52 10.26
C VAL B 50 -16.84 -3.50 11.30
C VAL B 50 -16.79 -3.47 11.29
N PHE B 51 -17.49 -2.34 11.28
CA PHE B 51 -17.27 -1.28 12.26
C PHE B 51 -18.39 -1.30 13.30
N SER B 52 -18.05 -0.87 14.50
CA SER B 52 -18.99 -0.75 15.60
C SER B 52 -19.20 0.73 15.91
N GLU B 53 -20.38 1.24 15.60
CA GLU B 53 -20.70 2.58 16.06
C GLU B 53 -20.69 2.68 17.59
N PRO B 54 -21.15 1.67 18.35
CA PRO B 54 -21.05 1.77 19.81
C PRO B 54 -19.62 1.93 20.31
N GLU B 55 -18.67 1.21 19.70
CA GLU B 55 -17.29 1.32 20.15
C GLU B 55 -16.68 2.66 19.77
N ILE B 56 -17.01 3.17 18.59
CA ILE B 56 -16.62 4.54 18.24
C ILE B 56 -17.11 5.52 19.30
N ILE B 57 -18.38 5.39 19.70
CA ILE B 57 -18.94 6.25 20.73
C ILE B 57 -18.18 6.10 22.04
N ARG B 58 -17.87 4.85 22.40
CA ARG B 58 -17.12 4.62 23.63
C ARG B 58 -15.77 5.32 23.59
N ASN B 59 -15.08 5.23 22.45
CA ASN B 59 -13.77 5.84 22.30
C ASN B 59 -13.85 7.37 22.41
N ILE B 60 -14.82 7.97 21.73
CA ILE B 60 -15.00 9.41 21.83
C ILE B 60 -15.32 9.83 23.27
N HIS B 61 -16.11 9.01 23.97
CA HIS B 61 -16.39 9.31 25.37
C HIS B 61 -15.11 9.28 26.20
N GLU B 62 -14.25 8.29 25.95
CA GLU B 62 -12.96 8.24 26.64
C GLU B 62 -12.18 9.53 26.40
N ILE B 63 -12.09 9.95 25.13
CA ILE B 63 -11.36 11.17 24.80
C ILE B 63 -11.98 12.38 25.49
N GLN B 64 -13.30 12.53 25.40
CA GLN B 64 -13.88 13.75 25.96
C GLN B 64 -13.93 13.73 27.49
N GLN B 65 -14.12 12.55 28.11
CA GLN B 65 -14.03 12.49 29.57
CA GLN B 65 -14.03 12.49 29.56
C GLN B 65 -12.62 12.80 30.04
N ALA B 66 -11.62 12.45 29.23
CA ALA B 66 -10.23 12.73 29.59
C ALA B 66 -10.03 14.22 29.79
N PHE B 67 -10.72 15.06 29.01
CA PHE B 67 -10.54 16.50 29.08
C PHE B 67 -11.59 17.19 29.95
N ALA B 68 -12.23 16.46 30.87
CA ALA B 68 -13.25 17.07 31.72
C ALA B 68 -12.71 18.22 32.54
N ALA B 69 -11.43 18.19 32.90
CA ALA B 69 -10.83 19.26 33.69
C ALA B 69 -10.70 20.57 32.92
N HIS B 70 -10.87 20.55 31.60
CA HIS B 70 -10.74 21.74 30.76
C HIS B 70 -12.00 21.88 29.93
N LYS B 71 -12.82 22.88 30.26
CA LYS B 71 -14.12 23.02 29.63
C LYS B 71 -13.99 23.21 28.12
N ASN B 72 -13.19 24.20 27.70
N ASN B 72 -13.17 24.17 27.70
CA ASN B 72 -13.14 24.60 26.29
CA ASN B 72 -13.12 24.61 26.31
C ASN B 72 -12.13 23.75 25.52
C ASN B 72 -12.13 23.75 25.52
N THR B 73 -12.54 22.51 25.24
CA THR B 73 -11.77 21.60 24.39
C THR B 73 -12.58 21.27 23.14
N LYS B 74 -11.92 21.33 21.97
CA LYS B 74 -12.56 21.05 20.69
C LYS B 74 -11.83 19.89 20.02
N THR B 75 -12.57 18.85 19.66
CA THR B 75 -11.98 17.57 19.25
C THR B 75 -12.26 17.37 17.77
N PHE B 76 -11.20 17.19 17.00
CA PHE B 76 -11.31 17.01 15.55
C PHE B 76 -10.86 15.60 15.18
N PHE B 77 -11.77 14.79 14.71
CA PHE B 77 -11.39 13.47 14.23
C PHE B 77 -10.52 13.61 12.98
N ALA B 78 -9.32 13.04 13.02
CA ALA B 78 -8.44 13.03 11.85
C ALA B 78 -8.99 12.08 10.80
N SER B 79 -9.66 12.61 9.78
CA SER B 79 -10.42 11.74 8.89
C SER B 79 -9.53 10.85 8.02
N LYS B 80 -8.23 11.16 7.94
CA LYS B 80 -7.27 10.26 7.29
C LYS B 80 -7.31 8.87 7.90
N THR B 81 -7.76 8.77 9.15
CA THR B 81 -7.84 7.48 9.84
C THR B 81 -8.87 6.56 9.19
N CYS B 82 -9.97 7.14 8.75
CA CYS B 82 -11.04 6.41 8.11
C CYS B 82 -12.08 7.43 7.68
N SER B 83 -12.32 7.53 6.38
CA SER B 83 -13.28 8.50 5.86
C SER B 83 -14.39 7.82 5.07
N VAL B 84 -14.64 6.52 5.32
CA VAL B 84 -15.87 5.92 4.84
C VAL B 84 -17.02 6.77 5.35
N MET B 85 -17.96 7.11 4.46
CA MET B 85 -18.91 8.16 4.79
C MET B 85 -19.75 7.79 6.02
N GLY B 86 -20.15 6.51 6.14
CA GLY B 86 -20.90 6.10 7.32
C GLY B 86 -20.07 6.13 8.60
N VAL B 87 -18.77 5.98 8.49
CA VAL B 87 -17.94 6.17 9.68
C VAL B 87 -17.87 7.66 10.04
N LEU B 88 -17.68 8.53 9.04
CA LEU B 88 -17.72 9.97 9.31
C LEU B 88 -19.07 10.40 9.90
N LYS B 89 -20.17 9.83 9.38
CA LYS B 89 -21.49 10.17 9.91
C LYS B 89 -21.64 9.77 11.37
N ALA B 90 -21.17 8.57 11.72
CA ALA B 90 -21.22 8.16 13.12
C ALA B 90 -20.41 9.10 14.00
N ILE B 91 -19.26 9.54 13.51
CA ILE B 91 -18.43 10.43 14.31
C ILE B 91 -19.07 11.80 14.43
N ARG B 92 -19.64 12.31 13.33
CA ARG B 92 -20.36 13.57 13.37
C ARG B 92 -21.53 13.48 14.32
N ASP B 93 -22.29 12.39 14.26
CA ASP B 93 -23.44 12.22 15.13
C ASP B 93 -23.04 12.07 16.58
N ALA B 94 -21.81 11.63 16.85
CA ALA B 94 -21.33 11.57 18.22
C ALA B 94 -20.94 12.92 18.76
N GLY B 95 -20.88 13.96 17.92
CA GLY B 95 -20.82 15.32 18.38
C GLY B 95 -19.46 15.98 18.34
N ILE B 96 -18.47 15.39 17.67
CA ILE B 96 -17.17 16.05 17.60
C ILE B 96 -16.95 16.58 16.19
N CYS B 97 -15.76 17.10 15.93
CA CYS B 97 -15.42 17.80 14.70
C CYS B 97 -14.50 16.93 13.84
N ALA B 98 -14.00 17.50 12.74
CA ALA B 98 -13.31 16.73 11.73
C ALA B 98 -12.06 17.46 11.24
N GLU B 99 -11.03 16.69 10.98
CA GLU B 99 -9.78 17.21 10.44
C GLU B 99 -9.54 16.54 9.10
N ALA B 100 -8.96 17.29 8.17
CA ALA B 100 -8.82 16.86 6.78
C ALA B 100 -7.42 17.16 6.32
N ASN B 101 -6.95 16.38 5.36
CA ASN B 101 -5.57 16.50 4.87
C ASN B 101 -5.52 16.71 3.36
N SER B 102 -6.67 16.98 2.72
CA SER B 102 -6.71 17.18 1.28
C SER B 102 -8.01 17.89 0.95
N GLN B 103 -8.06 18.46 -0.26
CA GLN B 103 -9.30 19.09 -0.70
C GLN B 103 -10.46 18.10 -0.72
N TYR B 104 -10.21 16.86 -1.16
CA TYR B 104 -11.31 15.90 -1.22
C TYR B 104 -11.74 15.47 0.18
N GLU B 105 -10.81 15.40 1.14
CA GLU B 105 -11.22 15.13 2.52
C GLU B 105 -12.08 16.26 3.07
N VAL B 106 -11.72 17.51 2.77
CA VAL B 106 -12.55 18.64 3.20
C VAL B 106 -13.94 18.52 2.61
N ARG B 107 -14.00 18.20 1.32
CA ARG B 107 -15.29 18.10 0.64
C ARG B 107 -16.15 16.99 1.23
N LYS B 108 -15.59 15.79 1.43
CA LYS B 108 -16.43 14.75 2.00
CA LYS B 108 -16.34 14.69 2.04
C LYS B 108 -16.86 15.09 3.42
N CYS B 109 -16.01 15.77 4.21
CA CYS B 109 -16.44 16.19 5.53
C CYS B 109 -17.61 17.18 5.46
N LEU B 110 -17.54 18.15 4.56
CA LEU B 110 -18.65 19.06 4.37
C LEU B 110 -19.91 18.31 3.91
N GLU B 111 -19.76 17.41 2.94
N GLU B 111 -19.75 17.40 2.93
CA GLU B 111 -20.98 16.82 2.39
CA GLU B 111 -20.90 16.72 2.36
C GLU B 111 -21.57 15.72 3.28
C GLU B 111 -21.60 15.85 3.40
N ILE B 112 -20.84 15.23 4.31
CA ILE B 112 -21.44 14.35 5.29
C ILE B 112 -22.05 15.13 6.44
N GLY B 113 -21.79 16.45 6.52
CA GLY B 113 -22.50 17.33 7.45
C GLY B 113 -21.64 18.10 8.44
N PHE B 114 -20.32 17.92 8.49
CA PHE B 114 -19.50 18.83 9.27
C PHE B 114 -19.58 20.22 8.68
N ARG B 115 -19.89 21.21 9.51
CA ARG B 115 -19.84 22.61 9.07
C ARG B 115 -18.39 23.06 8.89
N GLY B 116 -18.21 24.13 8.11
CA GLY B 116 -16.88 24.68 7.94
C GLY B 116 -16.19 24.97 9.26
N ASP B 117 -16.96 25.48 10.22
CA ASP B 117 -16.40 25.81 11.53
C ASP B 117 -16.10 24.58 12.36
N GLN B 118 -16.38 23.38 11.85
CA GLN B 118 -15.98 22.14 12.49
C GLN B 118 -14.83 21.43 11.76
N ILE B 119 -14.11 22.11 10.88
CA ILE B 119 -13.14 21.44 10.02
C ILE B 119 -11.79 22.15 10.09
N VAL B 120 -10.74 21.37 10.35
CA VAL B 120 -9.35 21.78 10.28
C VAL B 120 -8.73 21.16 9.04
N PHE B 121 -7.98 21.96 8.29
CA PHE B 121 -7.26 21.53 7.10
C PHE B 121 -5.77 21.51 7.42
N ASN B 122 -5.21 20.32 7.55
CA ASN B 122 -3.76 20.12 7.71
C ASN B 122 -3.14 19.72 6.38
N GLY B 123 -1.85 19.98 6.24
CA GLY B 123 -1.15 19.43 5.10
C GLY B 123 0.13 20.14 4.74
N VAL B 124 1.14 19.38 4.30
CA VAL B 124 2.38 19.98 3.85
C VAL B 124 2.28 20.48 2.41
N VAL B 125 1.27 20.05 1.67
CA VAL B 125 1.04 20.53 0.30
C VAL B 125 -0.41 20.95 0.21
N LYS B 126 -0.66 22.25 0.17
CA LYS B 126 -1.99 22.82 -0.07
C LYS B 126 -1.85 23.73 -1.27
N LYS B 127 -2.23 23.24 -2.44
CA LYS B 127 -2.12 24.01 -3.66
C LYS B 127 -3.14 25.13 -3.65
N PRO B 128 -2.93 26.17 -4.47
CA PRO B 128 -3.91 27.27 -4.53
C PRO B 128 -5.36 26.81 -4.69
N ALA B 129 -5.63 25.81 -5.52
CA ALA B 129 -7.01 25.34 -5.65
C ALA B 129 -7.53 24.77 -4.34
N ASP B 130 -6.67 24.06 -3.61
CA ASP B 130 -7.07 23.51 -2.31
C ASP B 130 -7.35 24.62 -1.32
N LEU B 131 -6.45 25.62 -1.26
CA LEU B 131 -6.62 26.74 -0.34
C LEU B 131 -7.88 27.55 -0.68
N GLU B 132 -8.07 27.83 -1.96
CA GLU B 132 -9.27 28.56 -2.37
C GLU B 132 -10.54 27.82 -1.94
N TYR B 133 -10.58 26.49 -2.13
CA TYR B 133 -11.73 25.71 -1.70
C TYR B 133 -11.96 25.81 -0.20
N ALA B 134 -10.89 25.68 0.58
CA ALA B 134 -10.99 25.80 2.03
C ALA B 134 -11.46 27.19 2.44
N ILE B 135 -10.81 28.23 1.90
CA ILE B 135 -11.15 29.59 2.30
C ILE B 135 -12.60 29.90 1.95
N ALA B 136 -13.02 29.51 0.74
CA ALA B 136 -14.41 29.74 0.34
C ALA B 136 -15.40 29.03 1.26
N ASN B 137 -14.99 27.97 1.95
CA ASN B 137 -15.91 27.21 2.79
C ASN B 137 -15.76 27.54 4.27
N ASP B 138 -15.08 28.64 4.59
CA ASP B 138 -15.07 29.18 5.96
CA ASP B 138 -15.07 29.18 5.96
C ASP B 138 -14.59 28.13 6.96
N LEU B 139 -13.49 27.46 6.63
CA LEU B 139 -13.00 26.43 7.53
C LEU B 139 -12.54 27.05 8.85
N TYR B 140 -12.72 26.28 9.94
CA TYR B 140 -12.31 26.76 11.26
C TYR B 140 -10.82 27.05 11.32
N LEU B 141 -10.00 26.19 10.71
CA LEU B 141 -8.56 26.38 10.70
C LEU B 141 -7.95 25.83 9.42
N ILE B 142 -7.00 26.58 8.88
CA ILE B 142 -6.02 26.03 7.95
C ILE B 142 -4.69 26.07 8.67
N ASN B 143 -4.13 24.91 8.98
CA ASN B 143 -2.89 24.86 9.75
C ASN B 143 -1.72 25.04 8.78
N VAL B 144 -1.26 26.29 8.69
CA VAL B 144 -0.22 26.68 7.75
C VAL B 144 1.07 25.94 8.02
N ASP B 145 1.62 25.33 6.97
CA ASP B 145 2.79 24.48 7.10
C ASP B 145 4.07 25.09 6.54
N SER B 146 3.96 26.11 5.68
CA SER B 146 5.14 26.76 5.11
C SER B 146 4.85 28.23 4.84
N LEU B 147 5.92 29.01 4.73
CA LEU B 147 5.80 30.39 4.27
C LEU B 147 5.33 30.46 2.83
N TYR B 148 5.75 29.51 2.00
CA TYR B 148 5.27 29.46 0.62
C TYR B 148 3.75 29.34 0.59
N GLU B 149 3.20 28.46 1.41
CA GLU B 149 1.75 28.29 1.48
C GLU B 149 1.08 29.54 2.02
N LEU B 150 1.70 30.20 3.00
CA LEU B 150 1.10 31.40 3.60
C LEU B 150 0.98 32.52 2.58
N GLU B 151 1.91 32.63 1.63
CA GLU B 151 1.79 33.66 0.61
C GLU B 151 0.56 33.45 -0.26
N HIS B 152 0.27 32.19 -0.60
CA HIS B 152 -0.96 31.89 -1.35
C HIS B 152 -2.19 32.20 -0.51
N ILE B 153 -2.15 31.87 0.78
CA ILE B 153 -3.28 32.19 1.65
C ILE B 153 -3.54 33.69 1.68
N ASP B 154 -2.48 34.50 1.80
CA ASP B 154 -2.66 35.96 1.79
C ASP B 154 -3.33 36.42 0.50
N ALA B 155 -2.82 35.95 -0.66
CA ALA B 155 -3.34 36.42 -1.94
C ALA B 155 -4.74 35.91 -2.21
N ILE B 156 -5.01 34.64 -1.91
CA ILE B 156 -6.33 34.09 -2.18
C ILE B 156 -7.37 34.72 -1.26
N SER B 157 -7.04 34.87 0.01
CA SER B 157 -7.97 35.50 0.95
C SER B 157 -8.32 36.92 0.51
N ARG B 158 -7.32 37.67 0.03
CA ARG B 158 -7.60 39.01 -0.50
C ARG B 158 -8.49 38.97 -1.74
N LYS B 159 -8.22 38.02 -2.65
CA LYS B 159 -8.99 37.94 -3.89
C LYS B 159 -10.44 37.58 -3.63
N LEU B 160 -10.69 36.62 -2.74
CA LEU B 160 -12.04 36.22 -2.41
C LEU B 160 -12.73 37.18 -1.46
N LYS B 161 -11.98 38.11 -0.86
CA LYS B 161 -12.48 38.94 0.25
C LYS B 161 -13.21 38.09 1.29
N LYS B 162 -12.56 37.00 1.70
CA LYS B 162 -13.06 36.11 2.73
CA LYS B 162 -13.06 36.11 2.73
C LYS B 162 -11.93 35.83 3.71
N VAL B 163 -12.23 35.89 5.01
CA VAL B 163 -11.21 35.72 6.03
C VAL B 163 -10.76 34.27 6.07
N ALA B 164 -9.45 34.06 6.05
CA ALA B 164 -8.87 32.74 6.24
C ALA B 164 -8.40 32.61 7.68
N ASN B 165 -8.85 31.56 8.36
CA ASN B 165 -8.53 31.31 9.77
C ASN B 165 -7.36 30.34 9.83
N VAL B 166 -6.25 30.75 10.44
CA VAL B 166 -5.06 29.93 10.37
C VAL B 166 -4.49 29.67 11.74
N CYS B 167 -3.83 28.52 11.88
CA CYS B 167 -2.77 28.31 12.86
C CYS B 167 -1.44 28.32 12.13
N VAL B 168 -0.39 28.65 12.88
CA VAL B 168 0.98 28.44 12.44
C VAL B 168 1.44 27.11 13.03
N ARG B 169 1.72 26.12 12.18
CA ARG B 169 2.27 24.87 12.68
C ARG B 169 3.78 25.00 12.86
N VAL B 170 4.26 24.64 14.04
CA VAL B 170 5.68 24.73 14.32
C VAL B 170 6.17 23.34 14.72
N GLU B 171 7.43 23.06 14.38
CA GLU B 171 8.11 21.87 14.87
C GLU B 171 8.58 22.11 16.29
N PRO B 172 8.10 21.36 17.29
CA PRO B 172 8.51 21.61 18.67
C PRO B 172 9.88 21.03 19.02
N ASN B 173 10.50 20.26 18.13
CA ASN B 173 11.79 19.60 18.41
C ASN B 173 11.65 18.56 19.52
N VAL B 174 10.64 17.70 19.40
CA VAL B 174 10.34 16.72 20.44
C VAL B 174 10.28 15.33 19.82
N PRO B 175 11.29 14.49 20.02
CA PRO B 175 11.23 13.11 19.51
C PRO B 175 10.19 12.30 20.27
N SER B 176 9.81 11.16 19.70
CA SER B 176 8.86 10.27 20.34
C SER B 176 9.16 8.84 19.95
N ALA B 177 8.80 7.92 20.84
CA ALA B 177 9.15 6.51 20.69
C ALA B 177 8.11 5.73 19.86
N THR B 178 7.72 6.27 18.72
CA THR B 178 6.93 5.53 17.75
C THR B 178 7.81 5.17 16.54
N HIS B 179 7.18 4.57 15.52
CA HIS B 179 7.88 4.28 14.28
C HIS B 179 8.56 5.53 13.76
N ALA B 180 9.71 5.34 13.08
CA ALA B 180 10.39 6.47 12.45
C ALA B 180 9.46 7.22 11.49
N GLU B 181 8.65 6.47 10.73
CA GLU B 181 7.72 7.03 9.77
C GLU B 181 6.55 7.74 10.43
N LEU B 182 6.35 7.56 11.74
CA LEU B 182 5.21 8.13 12.45
C LEU B 182 5.58 9.30 13.35
N VAL B 183 6.86 9.63 13.49
CA VAL B 183 7.28 10.84 14.20
C VAL B 183 7.05 12.04 13.29
N THR B 184 6.47 13.11 13.85
CA THR B 184 6.21 14.31 13.05
C THR B 184 6.59 15.61 13.75
N ALA B 185 7.30 15.56 14.87
CA ALA B 185 7.66 16.76 15.62
C ALA B 185 9.17 16.90 15.81
N PHE B 186 9.95 16.19 14.99
CA PHE B 186 11.40 16.12 15.13
C PHE B 186 11.99 15.82 13.76
N HIS B 187 12.81 16.75 13.24
CA HIS B 187 13.47 16.59 11.92
C HIS B 187 12.45 16.29 10.83
N ALA B 188 11.29 16.92 10.93
CA ALA B 188 10.12 16.54 10.15
C ALA B 188 10.03 17.35 8.86
N LYS B 189 9.27 16.80 7.89
CA LYS B 189 8.95 17.60 6.71
C LYS B 189 7.91 18.67 7.02
N SER B 190 7.17 18.53 8.11
CA SER B 190 6.07 19.44 8.39
C SER B 190 6.45 20.54 9.39
N GLY B 191 5.69 21.61 9.35
CA GLY B 191 5.80 22.70 10.31
C GLY B 191 6.87 23.72 9.94
N LEU B 192 6.80 24.88 10.59
CA LEU B 192 7.87 25.85 10.55
C LEU B 192 8.84 25.58 11.69
N ASP B 193 10.06 26.11 11.54
CA ASP B 193 10.95 26.19 12.69
C ASP B 193 10.31 27.09 13.74
N LEU B 194 10.55 26.77 15.02
CA LEU B 194 9.90 27.53 16.09
C LEU B 194 10.27 28.99 16.02
N GLU B 195 11.51 29.29 15.64
CA GLU B 195 11.97 30.68 15.58
CA GLU B 195 11.97 30.68 15.58
C GLU B 195 11.21 31.49 14.54
N GLN B 196 10.65 30.83 13.52
CA GLN B 196 9.91 31.53 12.49
C GLN B 196 8.53 31.97 12.94
N ALA B 197 8.04 31.45 14.07
CA ALA B 197 6.68 31.73 14.52
C ALA B 197 6.44 33.23 14.70
N GLU B 198 7.35 33.90 15.40
CA GLU B 198 7.11 35.30 15.76
C GLU B 198 6.90 36.17 14.52
N GLU B 199 7.82 36.09 13.56
CA GLU B 199 7.68 36.95 12.38
C GLU B 199 6.48 36.54 11.54
N THR B 200 6.25 35.23 11.42
CA THR B 200 5.07 34.75 10.69
C THR B 200 3.79 35.25 11.34
N CYS B 201 3.70 35.18 12.67
CA CYS B 201 2.52 35.69 13.34
C CYS B 201 2.42 37.21 13.18
N ARG B 202 3.56 37.91 13.21
CA ARG B 202 3.54 39.35 12.99
C ARG B 202 2.95 39.69 11.63
N ARG B 203 3.33 38.93 10.59
CA ARG B 203 2.86 39.25 9.25
C ARG B 203 1.40 38.85 9.03
N ILE B 204 0.97 37.73 9.62
CA ILE B 204 -0.44 37.35 9.54
C ILE B 204 -1.32 38.43 10.16
N LEU B 205 -0.92 38.96 11.32
CA LEU B 205 -1.71 40.02 11.94
C LEU B 205 -1.98 41.15 10.96
N ALA B 206 -0.99 41.47 10.12
CA ALA B 206 -1.08 42.58 9.17
C ALA B 206 -1.85 42.23 7.90
N MET B 207 -2.13 40.96 7.66
CA MET B 207 -2.91 40.56 6.49
C MET B 207 -4.37 40.88 6.73
N PRO B 208 -5.05 41.58 5.81
CA PRO B 208 -6.43 42.01 6.10
C PRO B 208 -7.43 40.87 6.13
N TYR B 209 -7.20 39.79 5.37
CA TYR B 209 -8.16 38.70 5.27
C TYR B 209 -7.62 37.38 5.82
N VAL B 210 -6.63 37.42 6.72
CA VAL B 210 -6.15 36.23 7.40
C VAL B 210 -6.23 36.48 8.90
N HIS B 211 -6.89 35.59 9.62
CA HIS B 211 -7.08 35.70 11.06
C HIS B 211 -6.27 34.62 11.77
N LEU B 212 -5.41 35.04 12.69
CA LEU B 212 -4.49 34.14 13.40
C LEU B 212 -5.16 33.66 14.68
N ARG B 213 -5.41 32.35 14.75
CA ARG B 213 -6.09 31.74 15.89
C ARG B 213 -5.12 31.23 16.95
N GLY B 214 -3.92 30.82 16.58
CA GLY B 214 -3.01 30.22 17.52
C GLY B 214 -1.93 29.41 16.83
N LEU B 215 -1.27 28.58 17.63
CA LEU B 215 -0.21 27.71 17.17
C LEU B 215 -0.69 26.26 17.07
N HIS B 216 0.01 25.47 16.27
CA HIS B 216 -0.35 24.07 16.05
C HIS B 216 0.91 23.22 16.05
N MET B 217 0.79 22.03 16.64
CA MET B 217 1.80 21.01 16.47
C MET B 217 1.11 19.65 16.52
N HIS B 218 1.83 18.63 16.06
CA HIS B 218 1.38 17.26 16.16
C HIS B 218 2.60 16.41 16.41
N VAL B 219 2.59 15.64 17.50
CA VAL B 219 3.77 14.93 17.97
C VAL B 219 4.06 13.72 17.10
N GLY B 220 3.05 12.94 16.79
CA GLY B 220 3.23 11.70 16.07
C GLY B 220 2.02 10.81 16.24
N ASP B 221 2.15 9.59 15.73
CA ASP B 221 1.09 8.60 15.69
C ASP B 221 1.48 7.40 16.53
N GLN B 222 0.55 6.91 17.35
CA GLN B 222 0.74 5.77 18.25
C GLN B 222 1.92 6.03 19.21
N VAL B 223 1.87 7.15 19.90
CA VAL B 223 2.94 7.56 20.80
C VAL B 223 2.77 6.88 22.15
N PRO B 224 3.71 6.04 22.58
CA PRO B 224 3.45 5.19 23.76
C PRO B 224 3.90 5.78 25.07
N GLU B 225 3.87 7.11 25.20
CA GLU B 225 4.44 7.75 26.37
C GLU B 225 3.86 9.16 26.48
N SER B 226 3.76 9.65 27.72
CA SER B 226 3.16 10.97 27.96
C SER B 226 4.16 12.09 27.87
N GLU B 227 5.43 11.84 28.19
CA GLU B 227 6.44 12.90 28.21
C GLU B 227 6.55 13.69 26.92
N PRO B 228 6.57 13.07 25.72
CA PRO B 228 6.62 13.90 24.50
C PRO B 228 5.46 14.87 24.37
N PHE B 229 4.26 14.47 24.78
CA PHE B 229 3.13 15.40 24.69
C PHE B 229 3.27 16.54 25.69
N ALA B 230 3.65 16.21 26.93
CA ALA B 230 3.89 17.23 27.93
C ALA B 230 4.92 18.23 27.43
N LYS B 231 6.02 17.73 26.86
CA LYS B 231 7.13 18.59 26.46
C LYS B 231 6.79 19.41 25.23
N ALA B 232 6.13 18.79 24.25
CA ALA B 232 5.72 19.54 23.07
C ALA B 232 4.67 20.59 23.40
N THR B 233 3.70 20.23 24.26
CA THR B 233 2.70 21.22 24.67
C THR B 233 3.34 22.37 25.42
N LYS B 234 4.29 22.09 26.31
CA LYS B 234 4.95 23.16 27.03
C LYS B 234 5.63 24.13 26.06
N VAL B 235 6.26 23.62 25.01
CA VAL B 235 6.90 24.49 24.03
C VAL B 235 5.87 25.38 23.37
N LEU B 236 4.77 24.80 22.92
CA LEU B 236 3.71 25.58 22.29
C LEU B 236 3.12 26.59 23.26
N VAL B 237 2.96 26.18 24.52
CA VAL B 237 2.34 27.08 25.50
C VAL B 237 3.27 28.22 25.85
N ASP B 238 4.56 27.93 26.07
CA ASP B 238 5.52 28.99 26.34
C ASP B 238 5.56 29.99 25.19
N GLU B 239 5.56 29.52 23.94
CA GLU B 239 5.65 30.46 22.82
C GLU B 239 4.33 31.19 22.61
N SER B 240 3.20 30.51 22.81
CA SER B 240 1.91 31.19 22.78
C SER B 240 1.87 32.30 23.84
N ARG B 241 2.33 32.00 25.06
CA ARG B 241 2.39 33.04 26.08
C ARG B 241 3.27 34.19 25.62
N ARG B 242 4.42 33.88 25.03
CA ARG B 242 5.39 34.92 24.66
C ARG B 242 4.87 35.80 23.54
N LEU B 243 4.33 35.18 22.48
CA LEU B 243 3.81 35.98 21.37
C LEU B 243 2.63 36.84 21.80
N GLU B 244 1.81 36.35 22.72
CA GLU B 244 0.73 37.18 23.26
C GLU B 244 1.30 38.45 23.88
N GLU B 245 2.36 38.31 24.68
CA GLU B 245 3.01 39.47 25.28
C GLU B 245 3.58 40.39 24.21
N VAL B 246 4.39 39.82 23.31
CA VAL B 246 5.10 40.63 22.32
C VAL B 246 4.11 41.33 21.40
N LEU B 247 3.19 40.57 20.81
CA LEU B 247 2.27 41.13 19.83
C LEU B 247 1.06 41.81 20.45
N GLY B 248 0.86 41.68 21.76
CA GLY B 248 -0.29 42.30 22.40
C GLY B 248 -1.62 41.71 21.99
N ILE B 249 -1.72 40.38 21.92
CA ILE B 249 -2.93 39.71 21.46
C ILE B 249 -3.31 38.61 22.45
N LYS B 250 -4.52 38.08 22.27
CA LYS B 250 -5.04 36.95 23.04
CA LYS B 250 -5.01 36.94 23.04
C LYS B 250 -5.40 35.87 22.03
N PHE B 251 -4.65 34.77 22.02
CA PHE B 251 -4.90 33.71 21.05
C PHE B 251 -6.28 33.09 21.27
N ASP B 252 -6.92 32.75 20.16
CA ASP B 252 -8.17 31.98 20.25
C ASP B 252 -7.94 30.63 20.88
N LEU B 253 -6.86 29.96 20.50
CA LEU B 253 -6.76 28.55 20.81
C LEU B 253 -5.30 28.13 20.80
N ILE B 254 -5.10 26.87 21.19
CA ILE B 254 -3.87 26.14 20.94
C ILE B 254 -4.26 24.76 20.41
N ASN B 255 -3.62 24.33 19.34
CA ASN B 255 -3.94 23.04 18.72
C ASN B 255 -2.77 22.08 18.95
N VAL B 256 -2.99 21.04 19.75
CA VAL B 256 -1.91 20.15 20.14
C VAL B 256 -1.92 18.85 19.34
N GLY B 257 -2.75 18.77 18.29
CA GLY B 257 -2.70 17.62 17.40
C GLY B 257 -3.27 16.33 18.02
N GLY B 258 -2.77 15.21 17.53
CA GLY B 258 -3.33 13.91 17.86
C GLY B 258 -2.31 12.98 18.48
N GLY B 259 -2.42 11.67 18.22
CA GLY B 259 -1.39 10.74 18.63
C GLY B 259 -1.73 9.84 19.81
N ILE B 260 -2.91 9.94 20.39
CA ILE B 260 -3.32 9.03 21.46
C ILE B 260 -3.19 7.61 20.93
N PRO B 261 -2.40 6.75 21.55
CA PRO B 261 -2.24 5.39 21.05
C PRO B 261 -3.45 4.54 21.42
N VAL B 262 -3.51 3.37 20.78
CA VAL B 262 -4.55 2.37 20.95
C VAL B 262 -3.86 1.06 21.30
N PRO B 263 -4.35 0.27 22.26
CA PRO B 263 -3.71 -1.02 22.55
C PRO B 263 -3.92 -2.00 21.40
N TYR B 264 -2.81 -2.49 20.82
CA TYR B 264 -2.91 -3.60 19.89
C TYR B 264 -2.47 -4.92 20.51
N LYS B 265 -1.72 -4.85 21.61
CA LYS B 265 -1.48 -5.97 22.50
C LYS B 265 -1.98 -5.57 23.87
N TYR B 266 -2.74 -6.45 24.52
CA TYR B 266 -3.45 -6.07 25.74
C TYR B 266 -2.76 -6.50 27.02
N ASP B 267 -1.82 -7.44 26.95
CA ASP B 267 -1.16 -7.97 28.15
C ASP B 267 0.01 -7.07 28.52
N ASP B 268 -0.34 -5.87 29.00
CA ASP B 268 0.64 -4.83 29.30
C ASP B 268 1.70 -5.31 30.27
N GLU B 269 1.37 -6.28 31.13
CA GLU B 269 2.35 -6.80 32.09
C GLU B 269 3.54 -7.47 31.41
N ASN B 270 3.42 -7.82 30.13
CA ASN B 270 4.51 -8.45 29.38
C ASN B 270 5.09 -7.51 28.32
N GLY B 271 4.82 -6.22 28.41
CA GLY B 271 5.09 -5.30 27.32
C GLY B 271 6.06 -4.18 27.70
N ASP B 272 6.89 -3.81 26.72
CA ASP B 272 7.70 -2.59 26.82
C ASP B 272 7.20 -1.60 25.77
N PRO B 273 6.29 -0.68 26.13
CA PRO B 273 5.76 0.26 25.14
C PRO B 273 6.83 1.10 24.45
N LEU B 274 7.97 1.37 25.09
CA LEU B 274 9.00 2.18 24.47
C LEU B 274 9.88 1.40 23.49
N LYS B 275 9.74 0.08 23.42
CA LYS B 275 10.36 -0.70 22.37
C LYS B 275 9.35 -1.29 21.40
N ASP B 276 8.12 -1.56 21.86
CA ASP B 276 7.07 -2.19 21.06
C ASP B 276 5.80 -1.36 21.26
N ASN B 277 5.60 -0.37 20.41
CA ASN B 277 4.45 0.51 20.62
C ASN B 277 3.13 -0.13 20.19
N MET B 278 3.10 -1.45 19.93
CA MET B 278 1.81 -2.14 19.90
C MET B 278 1.21 -2.17 21.28
N TYR B 279 2.04 -2.04 22.31
CA TYR B 279 1.59 -1.74 23.65
C TYR B 279 1.38 -0.24 23.75
N ALA B 280 0.19 0.15 24.20
CA ALA B 280 -0.21 1.55 24.13
C ALA B 280 0.60 2.41 25.10
N GLY B 281 0.89 1.91 26.30
CA GLY B 281 1.70 2.67 27.24
C GLY B 281 0.95 3.73 28.02
N ILE B 282 0.10 4.52 27.36
CA ILE B 282 -0.69 5.54 28.03
C ILE B 282 -2.14 5.45 27.56
N THR B 283 -3.00 6.15 28.27
CA THR B 283 -4.41 6.26 27.94
C THR B 283 -4.73 7.68 27.50
N ALA B 284 -5.97 7.87 27.03
CA ALA B 284 -6.42 9.22 26.72
C ALA B 284 -6.29 10.13 27.93
N GLN B 285 -6.52 9.58 29.12
CA GLN B 285 -6.44 10.40 30.32
C GLN B 285 -5.02 10.90 30.57
N ASP B 286 -4.02 10.04 30.34
CA ASP B 286 -2.62 10.48 30.48
C ASP B 286 -2.29 11.56 29.47
N PHE B 287 -2.77 11.40 28.23
CA PHE B 287 -2.62 12.44 27.21
C PHE B 287 -3.26 13.75 27.65
N ALA B 288 -4.51 13.71 28.09
CA ALA B 288 -5.17 14.93 28.55
C ALA B 288 -4.47 15.54 29.75
N ASP B 289 -4.09 14.69 30.73
CA ASP B 289 -3.43 15.20 31.94
C ASP B 289 -2.20 16.00 31.57
N ALA B 290 -1.37 15.47 30.67
CA ALA B 290 -0.16 16.17 30.27
C ALA B 290 -0.48 17.47 29.56
N VAL B 291 -1.38 17.44 28.59
CA VAL B 291 -1.72 18.64 27.83
C VAL B 291 -2.33 19.69 28.74
N ILE B 292 -3.37 19.33 29.49
CA ILE B 292 -4.05 20.29 30.34
C ILE B 292 -3.10 20.85 31.39
N ARG B 293 -2.25 20.00 31.98
CA ARG B 293 -1.29 20.47 32.99
CA ARG B 293 -1.29 20.47 32.99
C ARG B 293 -0.44 21.62 32.46
N GLU B 294 0.00 21.52 31.21
CA GLU B 294 0.88 22.56 30.68
C GLU B 294 0.10 23.80 30.23
N VAL B 295 -1.05 23.59 29.56
CA VAL B 295 -1.82 24.75 29.11
C VAL B 295 -2.27 25.59 30.31
N HIS B 296 -2.65 24.92 31.40
CA HIS B 296 -3.19 25.63 32.55
C HIS B 296 -2.14 26.43 33.32
N LYS B 297 -0.86 26.24 33.06
CA LYS B 297 0.10 27.19 33.63
C LYS B 297 0.02 28.55 32.95
N TRP B 298 -0.82 28.68 31.93
CA TRP B 298 -0.83 29.88 31.12
C TRP B 298 -2.24 30.45 31.02
N ARG B 299 -3.20 29.64 30.55
CA ARG B 299 -4.58 30.08 30.45
C ARG B 299 -5.50 28.90 30.71
N THR B 300 -6.52 29.10 31.54
CA THR B 300 -7.56 28.10 31.72
C THR B 300 -8.76 28.34 30.82
N ASP B 301 -8.86 29.52 30.21
CA ASP B 301 -9.99 29.88 29.36
C ASP B 301 -9.75 29.57 27.89
N VAL B 302 -8.49 29.46 27.46
CA VAL B 302 -8.20 29.27 26.04
C VAL B 302 -8.76 27.93 25.55
N GLU B 303 -9.14 27.90 24.29
CA GLU B 303 -9.62 26.67 23.67
C GLU B 303 -8.46 25.74 23.36
N ILE B 304 -8.58 24.49 23.75
CA ILE B 304 -7.61 23.46 23.37
C ILE B 304 -8.23 22.65 22.24
N CYS B 305 -7.59 22.66 21.08
CA CYS B 305 -7.96 21.79 19.97
C CYS B 305 -7.10 20.53 19.97
N ILE B 306 -7.74 19.38 19.77
CA ILE B 306 -7.03 18.11 19.63
C ILE B 306 -7.48 17.44 18.34
N GLU B 307 -6.60 16.63 17.76
CA GLU B 307 -6.85 15.99 16.47
C GLU B 307 -6.68 14.49 16.54
N PRO B 308 -7.38 13.80 17.44
CA PRO B 308 -7.24 12.34 17.53
C PRO B 308 -7.75 11.66 16.27
N GLY B 309 -6.98 10.69 15.78
CA GLY B 309 -7.39 9.88 14.66
C GLY B 309 -7.59 8.42 15.06
N ARG B 310 -6.48 7.70 15.19
CA ARG B 310 -6.46 6.29 15.55
C ARG B 310 -7.38 5.96 16.75
N LYS B 311 -7.31 6.76 17.82
CA LYS B 311 -8.05 6.42 19.05
C LYS B 311 -9.56 6.40 18.80
N VAL B 312 -10.06 7.19 17.86
CA VAL B 312 -11.49 7.22 17.63
C VAL B 312 -11.98 5.90 17.05
N THR B 313 -11.32 5.39 16.02
CA THR B 313 -11.84 4.20 15.35
C THR B 313 -11.01 2.93 15.46
N GLY B 314 -9.78 2.98 16.00
CA GLY B 314 -8.88 1.84 15.88
C GLY B 314 -9.47 0.55 16.43
N SER B 315 -9.95 0.59 17.67
CA SER B 315 -10.52 -0.57 18.35
C SER B 315 -11.91 -0.94 17.86
N ALA B 316 -12.49 -0.17 16.94
CA ALA B 316 -13.90 -0.26 16.61
C ALA B 316 -14.19 -1.03 15.33
N ALA B 317 -13.22 -1.77 14.80
CA ALA B 317 -13.48 -2.60 13.63
C ALA B 317 -12.79 -3.93 13.74
N VAL B 318 -13.28 -4.87 12.95
N VAL B 318 -13.34 -4.89 13.03
CA VAL B 318 -12.73 -6.22 12.86
CA VAL B 318 -12.69 -6.18 12.83
C VAL B 318 -12.72 -6.60 11.38
C VAL B 318 -12.63 -6.41 11.32
N LEU B 319 -11.58 -7.09 10.90
CA LEU B 319 -11.47 -7.60 9.55
C LEU B 319 -11.91 -9.07 9.59
N LEU B 320 -12.90 -9.43 8.77
CA LEU B 320 -13.37 -10.79 8.68
C LEU B 320 -12.92 -11.37 7.35
N THR B 321 -12.23 -12.51 7.41
CA THR B 321 -11.66 -13.12 6.22
C THR B 321 -11.84 -14.63 6.31
N GLU B 322 -12.24 -15.25 5.21
CA GLU B 322 -12.54 -16.67 5.20
CA GLU B 322 -12.55 -16.67 5.19
C GLU B 322 -11.28 -17.49 4.94
N VAL B 323 -11.08 -18.54 5.75
CA VAL B 323 -10.03 -19.52 5.44
C VAL B 323 -10.39 -20.17 4.11
N SER B 324 -9.54 -19.97 3.10
CA SER B 324 -9.87 -20.32 1.73
C SER B 324 -9.01 -21.41 1.15
N CYS B 325 -7.94 -21.79 1.82
CA CYS B 325 -7.13 -22.91 1.37
C CYS B 325 -6.27 -23.31 2.54
N GLU B 326 -5.64 -24.46 2.41
CA GLU B 326 -4.71 -24.92 3.42
C GLU B 326 -3.77 -25.91 2.76
N LYS B 327 -2.58 -26.02 3.33
CA LYS B 327 -1.64 -27.00 2.88
C LYS B 327 -0.60 -27.15 3.96
N ARG B 328 0.11 -28.27 3.92
CA ARG B 328 1.28 -28.50 4.75
CA ARG B 328 1.28 -28.42 4.75
C ARG B 328 2.50 -28.49 3.85
N LYS B 329 3.58 -27.86 4.27
CA LYS B 329 4.81 -27.80 3.51
CA LYS B 329 4.80 -27.89 3.49
C LYS B 329 5.99 -28.26 4.36
N THR B 330 7.11 -28.51 3.67
CA THR B 330 8.40 -28.87 4.25
C THR B 330 9.40 -27.77 3.91
N ASN B 331 10.13 -27.29 4.92
CA ASN B 331 11.21 -26.32 4.70
C ASN B 331 12.53 -27.09 4.74
N TYR B 332 13.29 -27.01 3.66
CA TYR B 332 14.60 -27.66 3.56
C TYR B 332 15.72 -26.63 3.70
N ASP B 333 16.90 -27.12 4.07
CA ASP B 333 18.10 -26.28 4.03
C ASP B 333 18.74 -26.37 2.65
N LEU B 334 19.88 -25.71 2.47
CA LEU B 334 20.59 -25.74 1.20
C LEU B 334 21.34 -27.07 0.97
N ASN B 335 20.94 -28.14 1.67
CA ASN B 335 21.51 -29.48 1.50
C ASN B 335 20.42 -30.55 1.38
N GLY B 336 19.17 -30.17 1.20
CA GLY B 336 18.08 -31.12 1.08
C GLY B 336 17.64 -31.75 2.38
N ASN B 337 18.15 -31.28 3.51
CA ASN B 337 17.76 -31.81 4.82
C ASN B 337 16.53 -31.07 5.34
N VAL B 338 15.63 -31.82 5.99
CA VAL B 338 14.37 -31.26 6.44
C VAL B 338 14.61 -30.39 7.67
N GLU B 339 14.23 -29.11 7.58
CA GLU B 339 14.34 -28.21 8.72
C GLU B 339 13.08 -28.21 9.58
N CYS B 340 11.90 -28.16 8.98
CA CYS B 340 10.65 -28.18 9.74
C CYS B 340 9.50 -28.51 8.81
N HIS B 341 8.29 -28.52 9.40
CA HIS B 341 7.04 -28.79 8.70
CA HIS B 341 7.05 -28.78 8.68
C HIS B 341 6.03 -27.72 9.08
N VAL B 342 5.49 -27.03 8.08
CA VAL B 342 4.67 -25.84 8.30
C VAL B 342 3.24 -26.10 7.85
N GLU B 343 2.28 -25.78 8.71
CA GLU B 343 0.86 -25.81 8.36
C GLU B 343 0.44 -24.39 7.95
N TRP B 344 0.22 -24.20 6.66
CA TRP B 344 -0.21 -22.94 6.09
C TRP B 344 -1.73 -22.92 6.00
N LYS B 345 -2.34 -21.85 6.53
CA LYS B 345 -3.73 -21.51 6.30
C LYS B 345 -3.78 -20.26 5.44
N PHE B 346 -4.60 -20.28 4.39
CA PHE B 346 -4.73 -19.17 3.45
C PHE B 346 -6.08 -18.51 3.67
N VAL B 347 -6.08 -17.20 3.93
CA VAL B 347 -7.32 -16.44 4.05
C VAL B 347 -7.48 -15.60 2.79
N ASP B 348 -8.70 -15.13 2.56
CA ASP B 348 -8.92 -14.37 1.32
C ASP B 348 -8.56 -12.90 1.45
N ALA B 349 -7.95 -12.48 2.56
CA ALA B 349 -7.41 -11.13 2.73
C ALA B 349 -5.88 -11.18 2.80
N GLY B 350 -5.21 -10.37 2.00
CA GLY B 350 -3.76 -10.23 2.08
C GLY B 350 -3.41 -8.78 2.42
N TYR B 351 -2.16 -8.39 2.17
CA TYR B 351 -1.78 -7.05 2.61
C TYR B 351 -2.39 -5.95 1.77
N SER B 352 -2.96 -6.28 0.60
CA SER B 352 -3.68 -5.28 -0.16
C SER B 352 -4.97 -4.86 0.53
N VAL B 353 -5.45 -5.58 1.54
N VAL B 353 -5.44 -5.67 1.48
CA VAL B 353 -6.63 -5.13 2.29
CA VAL B 353 -6.61 -5.41 2.29
C VAL B 353 -6.35 -4.94 3.77
C VAL B 353 -6.25 -4.80 3.63
N LEU B 354 -5.16 -5.26 4.25
CA LEU B 354 -4.74 -4.86 5.60
C LEU B 354 -3.28 -4.44 5.43
N SER B 355 -3.10 -3.20 4.97
CA SER B 355 -1.80 -2.71 4.55
CA SER B 355 -1.78 -2.77 4.54
C SER B 355 -0.80 -2.72 5.70
N ASP B 356 -1.21 -2.21 6.87
CA ASP B 356 -0.21 -1.96 7.91
C ASP B 356 0.38 -3.24 8.48
N SER B 357 -0.32 -4.37 8.37
CA SER B 357 0.24 -5.66 8.81
C SER B 357 1.51 -6.01 8.06
N GLN B 358 1.64 -5.56 6.82
CA GLN B 358 2.82 -5.81 6.00
C GLN B 358 3.78 -4.62 6.02
N HIS B 359 3.28 -3.43 5.73
CA HIS B 359 4.16 -2.31 5.45
C HIS B 359 4.65 -1.60 6.69
N PHE B 360 4.00 -1.81 7.83
CA PHE B 360 4.44 -1.13 9.05
C PHE B 360 4.58 -2.09 10.23
N ASP B 361 4.68 -3.39 9.93
CA ASP B 361 4.88 -4.41 10.94
C ASP B 361 3.87 -4.27 12.08
N TRP B 362 2.60 -4.09 11.71
CA TRP B 362 1.57 -3.83 12.71
C TRP B 362 0.97 -5.14 13.18
N PHE B 363 0.81 -5.28 14.49
CA PHE B 363 0.20 -6.47 15.07
C PHE B 363 -1.30 -6.24 15.27
N PHE B 364 -2.10 -7.26 14.92
CA PHE B 364 -3.52 -7.30 15.24
C PHE B 364 -3.81 -8.68 15.82
N TYR B 365 -4.64 -8.74 16.87
CA TYR B 365 -5.04 -10.06 17.35
C TYR B 365 -5.76 -10.82 16.26
N VAL B 366 -5.42 -12.10 16.12
CA VAL B 366 -6.04 -13.00 15.16
C VAL B 366 -6.69 -14.15 15.90
N TYR B 367 -7.96 -14.40 15.62
CA TYR B 367 -8.69 -15.51 16.20
C TYR B 367 -9.56 -16.16 15.14
N ASN B 368 -9.94 -17.41 15.40
CA ASN B 368 -10.92 -18.12 14.58
C ASN B 368 -12.30 -17.74 15.11
N ALA B 369 -12.95 -16.81 14.40
CA ALA B 369 -14.26 -16.32 14.84
C ALA B 369 -15.31 -17.44 14.78
N SER B 370 -15.14 -18.42 13.89
CA SER B 370 -16.08 -19.53 13.80
C SER B 370 -15.88 -20.55 14.92
N ARG B 371 -14.74 -20.51 15.61
CA ARG B 371 -14.40 -21.47 16.65
C ARG B 371 -13.79 -20.72 17.82
N MET B 372 -14.45 -19.63 18.22
CA MET B 372 -13.85 -18.68 19.15
C MET B 372 -13.75 -19.25 20.55
N THR B 373 -14.63 -20.19 20.90
CA THR B 373 -14.61 -20.85 22.19
C THR B 373 -13.74 -22.10 22.19
N ALA B 374 -13.14 -22.48 21.06
CA ALA B 374 -12.23 -23.61 21.02
C ALA B 374 -10.81 -23.15 21.35
N ALA B 375 -10.06 -24.00 22.05
CA ALA B 375 -8.64 -23.77 22.27
C ALA B 375 -7.95 -23.47 20.94
N HIS B 376 -7.16 -22.40 20.92
CA HIS B 376 -6.31 -22.08 19.77
C HIS B 376 -4.99 -22.76 20.04
N ASP B 377 -4.90 -24.02 19.61
CA ASP B 377 -3.88 -24.94 20.10
C ASP B 377 -3.00 -25.47 18.98
N ALA B 378 -3.01 -24.83 17.82
CA ALA B 378 -2.23 -25.31 16.68
C ALA B 378 -1.41 -24.15 16.14
N TRP B 379 -0.12 -24.40 15.90
CA TRP B 379 0.77 -23.40 15.32
C TRP B 379 0.63 -23.43 13.79
N ILE B 380 0.25 -22.29 13.21
CA ILE B 380 0.05 -22.18 11.78
C ILE B 380 0.72 -20.91 11.28
N LYS B 381 1.02 -20.89 9.99
CA LYS B 381 1.35 -19.65 9.29
C LYS B 381 0.14 -19.23 8.46
N LEU B 382 -0.10 -17.93 8.42
CA LEU B 382 -1.31 -17.34 7.89
C LEU B 382 -0.94 -16.54 6.64
N ALA B 383 -1.39 -17.03 5.48
CA ALA B 383 -1.03 -16.44 4.21
C ALA B 383 -2.25 -15.75 3.60
N GLY B 384 -1.97 -14.70 2.83
CA GLY B 384 -2.95 -14.06 2.00
C GLY B 384 -2.96 -14.66 0.60
N PRO B 385 -3.83 -14.16 -0.27
CA PRO B 385 -3.99 -14.73 -1.61
C PRO B 385 -3.15 -14.06 -2.68
N LEU B 386 -2.39 -13.02 -2.36
CA LEU B 386 -1.67 -12.30 -3.41
C LEU B 386 -0.52 -13.13 -3.97
N SER B 387 -0.09 -12.74 -5.17
CA SER B 387 1.05 -13.37 -5.84
C SER B 387 2.33 -13.29 -5.01
N ASP B 388 2.51 -12.20 -4.28
N ASP B 388 2.50 -12.21 -4.26
CA ASP B 388 3.76 -11.98 -3.56
CA ASP B 388 3.76 -11.95 -3.58
C ASP B 388 4.05 -13.11 -2.60
C ASP B 388 4.08 -13.03 -2.55
N GLY B 389 5.29 -13.60 -2.64
CA GLY B 389 5.73 -14.56 -1.65
C GLY B 389 5.69 -14.01 -0.24
N GLY B 390 5.96 -12.70 -0.09
CA GLY B 390 5.85 -12.02 1.18
C GLY B 390 4.43 -11.69 1.62
N ASP B 391 3.39 -11.98 0.82
CA ASP B 391 2.01 -11.74 1.27
C ASP B 391 1.57 -12.88 2.20
N TYR B 392 2.15 -12.85 3.40
CA TYR B 392 1.60 -13.57 4.54
C TYR B 392 1.82 -12.69 5.75
N PHE B 393 1.10 -13.00 6.82
CA PHE B 393 1.08 -12.11 7.98
C PHE B 393 2.26 -12.50 8.86
N HIS B 394 3.28 -11.64 8.92
CA HIS B 394 4.48 -12.00 9.65
CA HIS B 394 4.52 -11.92 9.62
C HIS B 394 4.44 -11.60 11.11
N MET B 395 3.49 -10.76 11.53
CA MET B 395 3.39 -10.28 12.91
C MET B 395 2.53 -11.24 13.72
N GLY B 396 3.12 -12.41 14.02
CA GLY B 396 2.38 -13.50 14.60
C GLY B 396 2.37 -13.49 16.12
N VAL B 397 1.78 -14.55 16.67
CA VAL B 397 1.73 -14.76 18.11
C VAL B 397 3.13 -15.12 18.64
N LYS B 398 3.89 -15.89 17.86
CA LYS B 398 5.26 -16.21 18.20
C LYS B 398 6.05 -16.18 16.89
N GLY B 399 6.93 -15.20 16.74
CA GLY B 399 7.58 -15.04 15.46
C GLY B 399 6.51 -14.83 14.41
N GLU B 400 6.61 -15.59 13.31
CA GLU B 400 5.67 -15.51 12.20
C GLU B 400 4.54 -16.53 12.32
N GLU B 401 4.37 -17.15 13.48
CA GLU B 401 3.39 -18.20 13.68
C GLU B 401 2.20 -17.68 14.48
N PHE B 402 1.00 -18.07 14.06
CA PHE B 402 -0.23 -17.79 14.77
C PHE B 402 -0.76 -19.06 15.44
N LEU B 403 -1.74 -18.88 16.32
CA LEU B 403 -2.45 -19.99 16.95
C LEU B 403 -3.89 -20.02 16.45
N LEU B 404 -4.31 -21.17 15.93
CA LEU B 404 -5.71 -21.38 15.59
C LEU B 404 -6.13 -22.74 16.11
N PRO B 405 -7.42 -22.97 16.31
CA PRO B 405 -7.87 -24.32 16.68
C PRO B 405 -7.39 -25.35 15.67
N LYS B 406 -6.94 -26.49 16.18
CA LYS B 406 -6.57 -27.58 15.30
C LYS B 406 -7.73 -28.02 14.43
N GLU B 407 -8.96 -27.74 14.87
CA GLU B 407 -10.18 -28.06 14.12
C GLU B 407 -10.44 -27.09 12.97
N THR B 408 -9.62 -26.06 12.81
CA THR B 408 -9.84 -25.06 11.76
C THR B 408 -9.94 -25.71 10.39
N HIS B 409 -10.99 -25.34 9.66
CA HIS B 409 -11.31 -25.87 8.34
C HIS B 409 -11.42 -24.71 7.36
N VAL B 410 -11.18 -25.01 6.08
CA VAL B 410 -11.54 -24.08 5.03
C VAL B 410 -13.04 -23.79 5.17
N GLY B 411 -13.39 -22.50 5.01
CA GLY B 411 -14.73 -22.02 5.27
C GLY B 411 -14.89 -21.33 6.61
N ASP B 412 -13.98 -21.58 7.56
CA ASP B 412 -14.01 -20.84 8.81
C ASP B 412 -13.70 -19.36 8.58
N ILE B 413 -14.20 -18.54 9.50
CA ILE B 413 -14.01 -17.10 9.46
C ILE B 413 -12.95 -16.71 10.49
N VAL B 414 -11.88 -16.08 10.02
CA VAL B 414 -10.82 -15.58 10.86
C VAL B 414 -11.06 -14.09 11.08
N ALA B 415 -10.88 -13.63 12.31
CA ALA B 415 -11.06 -12.23 12.65
C ALA B 415 -9.72 -11.60 13.01
N PHE B 416 -9.47 -10.40 12.46
CA PHE B 416 -8.41 -9.50 12.91
C PHE B 416 -9.06 -8.42 13.75
N LEU B 417 -8.62 -8.27 15.00
CA LEU B 417 -9.18 -7.26 15.88
C LEU B 417 -8.45 -5.93 15.71
N ASP B 418 -9.06 -4.88 16.27
CA ASP B 418 -8.48 -3.54 16.30
C ASP B 418 -8.10 -3.08 14.90
N ALA B 419 -9.01 -3.30 13.96
CA ALA B 419 -8.72 -3.09 12.56
C ALA B 419 -9.42 -1.86 12.02
N GLY B 420 -9.64 -0.86 12.87
CA GLY B 420 -10.45 0.27 12.48
C GLY B 420 -9.72 1.52 12.08
N ALA B 421 -8.40 1.57 12.21
CA ALA B 421 -7.66 2.79 11.92
C ALA B 421 -6.70 2.55 10.76
N TYR B 422 -6.78 3.41 9.74
CA TYR B 422 -5.85 3.41 8.60
C TYR B 422 -5.92 2.10 7.81
N THR B 423 -7.07 1.43 7.80
CA THR B 423 -7.22 0.15 7.12
C THR B 423 -8.04 0.20 5.84
N ILE B 424 -8.81 1.26 5.59
CA ILE B 424 -9.71 1.22 4.43
C ILE B 424 -9.07 1.94 3.24
N GLU B 425 -8.72 3.22 3.42
CA GLU B 425 -8.22 4.02 2.29
C GLU B 425 -6.87 3.54 1.80
N SER B 426 -6.14 2.75 2.60
CA SER B 426 -4.83 2.23 2.23
C SER B 426 -4.92 0.92 1.43
N GLN B 427 -6.12 0.44 1.13
CA GLN B 427 -6.27 -0.78 0.35
C GLN B 427 -5.94 -0.54 -1.12
N THR B 428 -5.63 -1.62 -1.83
CA THR B 428 -5.28 -1.56 -3.24
C THR B 428 -6.06 -2.62 -4.02
N VAL B 429 -6.01 -2.50 -5.34
CA VAL B 429 -6.58 -3.53 -6.20
C VAL B 429 -5.44 -4.32 -6.82
N TYR B 430 -4.37 -4.53 -6.04
CA TYR B 430 -3.25 -5.35 -6.49
C TYR B 430 -3.72 -6.77 -6.80
N ASN B 431 -3.25 -7.34 -7.92
CA ASN B 431 -3.72 -8.64 -8.44
C ASN B 431 -5.17 -8.55 -8.90
N ASN B 432 -5.72 -7.34 -9.00
N ASN B 432 -5.70 -7.33 -9.04
CA ASN B 432 -7.13 -7.13 -9.31
CA ASN B 432 -7.12 -7.08 -9.23
C ASN B 432 -8.03 -7.84 -8.30
C ASN B 432 -7.95 -7.98 -8.34
N ARG B 433 -7.58 -7.96 -7.07
CA ARG B 433 -8.52 -8.28 -6.00
CA ARG B 433 -8.57 -8.28 -6.06
C ARG B 433 -9.24 -7.01 -5.57
N PRO B 434 -10.55 -7.06 -5.35
CA PRO B 434 -11.28 -5.85 -4.99
C PRO B 434 -10.93 -5.34 -3.60
N ARG B 435 -10.96 -4.02 -3.45
CA ARG B 435 -11.00 -3.45 -2.12
C ARG B 435 -12.30 -3.86 -1.44
N THR B 436 -12.27 -3.96 -0.11
CA THR B 436 -13.31 -4.68 0.61
C THR B 436 -14.57 -3.86 0.80
N GLY B 437 -15.70 -4.57 0.89
CA GLY B 437 -16.87 -3.99 1.51
C GLY B 437 -16.63 -3.65 2.98
N VAL B 438 -17.52 -2.80 3.50
CA VAL B 438 -17.48 -2.38 4.89
C VAL B 438 -18.89 -2.42 5.45
N VAL B 439 -19.04 -3.06 6.59
CA VAL B 439 -20.33 -3.15 7.27
C VAL B 439 -20.27 -2.33 8.55
N MET B 440 -21.39 -1.72 8.93
CA MET B 440 -21.48 -0.94 10.16
CA MET B 440 -21.46 -0.95 10.16
C MET B 440 -22.52 -1.55 11.07
N ILE B 441 -22.15 -1.77 12.33
CA ILE B 441 -23.11 -2.11 13.37
C ILE B 441 -23.52 -0.79 14.00
N ASP B 442 -24.80 -0.46 13.94
CA ASP B 442 -25.21 0.85 14.45
C ASP B 442 -25.49 0.79 15.95
N LYS B 443 -25.94 1.93 16.49
CA LYS B 443 -26.19 2.07 17.93
C LYS B 443 -27.22 1.08 18.45
N ASN B 444 -28.12 0.60 17.58
CA ASN B 444 -29.12 -0.35 17.99
C ASN B 444 -28.70 -1.80 17.77
N GLY B 445 -27.47 -2.03 17.31
CA GLY B 445 -26.99 -3.37 17.06
C GLY B 445 -27.41 -3.95 15.74
N ASP B 446 -27.95 -3.15 14.83
CA ASP B 446 -28.29 -3.59 13.50
C ASP B 446 -27.12 -3.34 12.55
N THR B 447 -27.02 -4.17 11.52
CA THR B 447 -25.92 -4.10 10.57
C THR B 447 -26.42 -3.55 9.25
N ARG B 448 -25.51 -2.94 8.50
CA ARG B 448 -25.83 -2.47 7.15
C ARG B 448 -24.51 -2.28 6.42
N LEU B 449 -24.56 -2.49 5.10
CA LEU B 449 -23.40 -2.25 4.27
C LEU B 449 -23.18 -0.75 4.10
N ILE B 450 -21.98 -0.27 4.41
CA ILE B 450 -21.67 1.15 4.22
C ILE B 450 -20.62 1.38 3.16
N ARG B 451 -20.03 0.33 2.63
CA ARG B 451 -19.18 0.46 1.45
CA ARG B 451 -19.13 0.45 1.49
C ARG B 451 -19.23 -0.85 0.71
N ARG B 452 -19.47 -0.77 -0.59
CA ARG B 452 -19.51 -1.99 -1.38
C ARG B 452 -18.09 -2.45 -1.67
N GLU B 453 -17.96 -3.76 -1.85
CA GLU B 453 -16.73 -4.30 -2.42
C GLU B 453 -16.60 -3.79 -3.85
N ASP B 454 -15.39 -3.43 -4.26
CA ASP B 454 -15.18 -3.08 -5.67
C ASP B 454 -15.69 -4.21 -6.55
N SER B 455 -16.51 -3.87 -7.54
CA SER B 455 -16.94 -4.86 -8.52
C SER B 455 -15.93 -4.96 -9.66
N TYR B 456 -16.06 -6.00 -10.49
CA TYR B 456 -15.22 -6.08 -11.68
C TYR B 456 -15.34 -4.80 -12.50
N GLU B 457 -16.58 -4.39 -12.76
CA GLU B 457 -16.83 -3.20 -13.54
C GLU B 457 -16.14 -1.97 -12.95
N ASP B 458 -16.28 -1.78 -11.63
N ASP B 458 -15.88 -1.98 -11.63
CA ASP B 458 -15.71 -0.60 -10.98
CA ASP B 458 -14.96 -1.01 -11.04
C ASP B 458 -14.23 -0.50 -11.31
C ASP B 458 -13.52 -1.19 -11.52
N MET B 459 -13.55 -1.64 -11.30
N MET B 459 -13.06 -2.44 -11.63
CA MET B 459 -12.10 -1.65 -11.42
CA MET B 459 -11.65 -2.69 -11.95
C MET B 459 -11.64 -1.37 -12.85
C MET B 459 -11.24 -2.07 -13.29
N VAL B 460 -12.40 -1.82 -13.86
N VAL B 460 -12.19 -1.91 -14.20
CA VAL B 460 -12.02 -1.54 -15.25
CA VAL B 460 -11.89 -1.40 -15.54
C VAL B 460 -12.55 -0.19 -15.72
C VAL B 460 -12.58 -0.08 -15.85
N LYS B 461 -13.48 0.40 -14.98
CA LYS B 461 -14.16 1.64 -15.36
CA LYS B 461 -14.18 1.65 -15.27
C LYS B 461 -13.22 2.83 -15.42
N TYR B 462 -12.09 2.79 -14.72
CA TYR B 462 -11.16 3.91 -14.77
C TYR B 462 -10.36 3.93 -16.08
N ASP B 463 -10.19 2.77 -16.70
CA ASP B 463 -9.43 2.66 -17.92
C ASP B 463 -10.23 3.15 -19.11
N ILE B 464 -9.51 3.62 -20.13
CA ILE B 464 -10.09 4.10 -21.36
C ILE B 464 -9.64 3.15 -22.46
N TYR B 465 -10.56 2.31 -22.96
CA TYR B 465 -10.21 1.28 -23.92
C TYR B 465 -11.40 0.95 -24.81
N LEU B 466 -11.09 0.30 -25.94
CA LEU B 466 -12.08 0.02 -26.99
C LEU B 466 -12.73 -1.35 -26.79
S DMS C . 19.74 0.79 -19.51
O DMS C . 20.55 0.41 -18.30
C1 DMS C . 20.28 2.44 -20.01
C2 DMS C . 18.12 1.27 -18.88
S DMS D . 22.63 5.75 -8.77
O DMS D . 23.13 4.93 -9.93
C1 DMS D . 23.60 7.27 -8.71
C2 DMS D . 23.30 5.03 -7.27
NA NA E . -6.36 -36.84 -16.15
N1 PMP F . 4.77 -15.86 -12.30
C2 PMP F . 4.50 -16.01 -10.96
C2A PMP F . 3.87 -17.30 -10.48
C3 PMP F . 4.62 -14.91 -10.10
O3 PMP F . 4.13 -15.00 -8.83
C4 PMP F . 5.18 -13.71 -10.57
C4A PMP F . 5.23 -12.49 -9.67
N4A PMP F . 6.18 -12.68 -8.60
C5 PMP F . 5.60 -13.64 -11.91
C6 PMP F . 5.45 -14.75 -12.73
C5A PMP F . 6.17 -12.37 -12.51
O4P PMP F . 7.33 -11.93 -11.81
P PMP F . 8.25 -10.79 -12.48
O1P PMP F . 7.44 -9.52 -12.59
O2P PMP F . 8.70 -11.27 -13.84
O3P PMP F . 9.41 -10.60 -11.53
C4 A1AZK G . -0.09 6.76 9.07
C5 A1AZK G . -0.07 4.31 8.75
N1 A1AZK G . 0.41 5.52 8.49
N3 A1AZK G . -0.96 4.14 9.72
C2 A1AZK G . -0.36 8.50 10.82
C1 A1AZK G . 0.16 9.55 9.88
C3 A1AZK G . 0.19 7.10 10.51
N2 A1AZK G . 0.36 3.28 8.05
O1 A1AZK G . -0.50 10.18 9.10
S DMS H . -23.62 20.91 17.03
O DMS H . -22.28 21.38 16.51
C1 DMS H . -23.42 19.15 17.34
C2 DMS H . -24.67 20.67 15.59
NA NA I . -4.78 39.59 10.12
C4 A1AZK J . 6.65 -8.09 -5.68
C5 A1AZK J . 6.00 -5.70 -5.40
N1 A1AZK J . 5.93 -6.98 -5.05
N3 A1AZK J . 6.84 -5.31 -6.35
C2 A1AZK J . 6.23 -9.73 -7.58
C1 A1AZK J . 5.25 -10.47 -6.74
C3 A1AZK J . 6.30 -8.26 -7.14
N2 A1AZK J . 5.25 -4.81 -4.79
O1 A1AZK J . 4.21 -10.92 -7.10
S DMS K . -8.29 -3.42 26.06
O DMS K . -8.44 -3.26 24.57
C1 DMS K . -9.31 -4.85 26.53
C2 DMS K . -9.34 -2.16 26.81
N1 PMP L . -3.00 15.56 13.31
C2 PMP L . -2.09 15.61 12.26
C2A PMP L . -1.53 16.92 11.78
C3 PMP L . -1.64 14.41 11.71
O3 PMP L . -0.71 14.43 10.71
C4 PMP L . -2.15 13.19 12.14
C4A PMP L . -1.63 11.89 11.54
N4A PMP L . -0.51 11.38 12.31
C5 PMP L . -3.17 13.19 13.11
C6 PMP L . -3.63 14.40 13.64
C5A PMP L . -3.78 11.90 13.60
O4P PMP L . -2.88 11.15 14.39
P PMP L . -3.45 9.92 15.23
O1P PMP L . -4.27 10.37 16.39
O2P PMP L . -2.25 9.14 15.74
O3P PMP L . -4.28 9.09 14.29
C ACT M . -22.21 26.98 14.53
O ACT M . -22.98 25.98 14.56
OXT ACT M . -21.49 27.36 15.48
CH3 ACT M . -22.18 27.79 13.22
CL CL N . -15.74 19.04 19.65
#